data_4R7Y
#
_entry.id   4R7Y
#
_cell.length_a   118.902
_cell.length_b   118.902
_cell.length_c   199.317
_cell.angle_alpha   90.00
_cell.angle_beta   90.00
_cell.angle_gamma   120.00
#
_symmetry.space_group_name_H-M   'P 63'
#
loop_
_entity.id
_entity.type
_entity.pdbx_description
1 polymer 'Minichromosome maintenance protein MCM, Cell division control protein 21'
2 non-polymer "ADENOSINE-5'-DIPHOSPHATE"
3 non-polymer 'MAGNESIUM ION'
4 non-polymer 'ZINC ION'
5 non-polymer 'CHLORIDE ION'
#
_entity_poly.entity_id   1
_entity_poly.type   'polypeptide(L)'
_entity_poly.pdbx_seq_one_letter_code
;SLEIPSKQIDYRDVFIEFLTTFKGNNNQNKYIERINELVAYRKKSLIIEFSDVLSFNENLAYEIINNTKIILPILEGALY
DHILQLDPTYQRDIEKVHVRIVGIPRVIELRKIRSTDIGKLITIDGILVKVTPVKERIYKATYKHIHPDCMQEFEWPEDE
EMPEVLEMPTICPKCGKPGQFRLIPEKTKLIDWQKAVIQERPEEVPSGQLPRQLEIILEDDLVDSARPGDRVKVTGILDI
KQDSPVKRGSRAVFDIYMKVSSIEVSQKVLQELEISPEEEQIIKELAKRKDIVDAIVDSIAPAIYGYKEVKKGIALALFG
GVSRKLPDGTRLRGDIHVLLVGDPGVAKSQILRYVANLAPRAIYTSGKSSSAAGLTAAAVRDEFTGGWVLEAGALVLADG
GYALIDELDKMSDRDRSVIHEALEQQTISISKAGITATLNARTTVIAAANPKQGRFNRMKNPFEQIDLPPTLLSRFDLIF
VLIDEPDDKIDSEVARHILRVRRGESEVVAPKIPHEILRKYIAYARKNIHPVISEEAMEEIEKYYVRMRKSVKKTKGEEE
GIPPIPITARQLEALIRLSEAHARMRLSPIVTREDAREAIKLMEYTLKQIAMD
;
_entity_poly.pdbx_strand_id   A,B
#
# COMPACT_ATOMS: atom_id res chain seq x y z
N GLN A 8 22.34 16.25 33.18
CA GLN A 8 23.53 15.40 32.88
C GLN A 8 24.16 14.82 34.15
N ILE A 9 24.56 13.56 34.07
CA ILE A 9 25.20 12.84 35.18
C ILE A 9 26.51 12.25 34.66
N ASP A 10 27.39 11.81 35.56
CA ASP A 10 28.66 11.25 35.13
C ASP A 10 28.67 9.74 35.08
N TYR A 11 28.52 9.21 33.87
CA TYR A 11 28.53 7.78 33.71
C TYR A 11 29.98 7.29 33.58
N ARG A 12 30.92 8.22 33.45
CA ARG A 12 32.32 7.82 33.31
C ARG A 12 32.89 7.21 34.58
N ASP A 13 32.38 7.57 35.74
CA ASP A 13 32.91 6.96 36.95
C ASP A 13 32.22 5.62 37.23
N VAL A 14 30.94 5.52 36.91
CA VAL A 14 30.26 4.26 37.15
C VAL A 14 30.88 3.22 36.22
N PHE A 15 31.16 3.61 34.98
CA PHE A 15 31.75 2.70 34.02
C PHE A 15 33.10 2.16 34.50
N ILE A 16 33.99 3.07 34.93
CA ILE A 16 35.30 2.67 35.43
C ILE A 16 35.11 1.89 36.71
N GLU A 17 34.16 2.32 37.54
CA GLU A 17 33.88 1.64 38.80
C GLU A 17 33.40 0.22 38.51
N PHE A 18 32.57 0.07 37.47
CA PHE A 18 32.05 -1.24 37.05
C PHE A 18 33.19 -2.16 36.58
N LEU A 19 34.11 -1.62 35.77
CA LEU A 19 35.21 -2.41 35.27
C LEU A 19 36.11 -2.91 36.37
N THR A 20 36.45 -2.04 37.30
CA THR A 20 37.34 -2.41 38.38
C THR A 20 36.76 -3.14 39.60
N THR A 21 35.44 -3.19 39.74
CA THR A 21 34.90 -3.85 40.91
C THR A 21 33.89 -4.98 40.67
N PHE A 22 33.35 -5.06 39.46
CA PHE A 22 32.39 -6.10 39.15
C PHE A 22 32.99 -7.47 39.49
N LYS A 23 32.16 -8.37 40.00
CA LYS A 23 32.61 -9.70 40.39
C LYS A 23 32.05 -10.83 39.53
N GLY A 24 32.96 -11.66 39.03
CA GLY A 24 32.58 -12.78 38.19
C GLY A 24 32.11 -14.01 38.95
N ASN A 25 31.92 -15.10 38.22
CA ASN A 25 31.47 -16.35 38.80
C ASN A 25 32.32 -16.81 39.96
N ASN A 26 33.63 -16.53 39.89
CA ASN A 26 34.52 -16.95 40.96
C ASN A 26 35.03 -15.78 41.78
N ASN A 27 34.19 -14.78 41.96
CA ASN A 27 34.55 -13.60 42.75
C ASN A 27 35.78 -12.89 42.23
N GLN A 28 36.18 -13.23 41.01
CA GLN A 28 37.32 -12.59 40.40
C GLN A 28 36.81 -11.33 39.73
N ASN A 29 37.67 -10.34 39.56
CA ASN A 29 37.27 -9.12 38.90
C ASN A 29 37.31 -9.39 37.40
N LYS A 30 36.22 -9.96 36.90
CA LYS A 30 36.08 -10.30 35.50
C LYS A 30 36.71 -9.31 34.55
N TYR A 31 36.38 -8.05 34.67
CA TYR A 31 36.91 -7.06 33.75
C TYR A 31 38.29 -6.51 34.03
N ILE A 32 38.80 -6.71 35.23
CA ILE A 32 40.14 -6.27 35.49
C ILE A 32 40.99 -7.22 34.66
N GLU A 33 40.67 -8.51 34.74
CA GLU A 33 41.39 -9.55 34.00
C GLU A 33 41.24 -9.40 32.49
N ARG A 34 40.05 -9.02 32.02
CA ARG A 34 39.88 -8.85 30.58
C ARG A 34 40.66 -7.65 30.10
N ILE A 35 40.72 -6.61 30.92
CA ILE A 35 41.48 -5.44 30.51
C ILE A 35 42.95 -5.80 30.50
N ASN A 36 43.37 -6.71 31.37
CA ASN A 36 44.78 -7.08 31.40
C ASN A 36 45.22 -7.84 30.17
N GLU A 37 44.43 -8.82 29.73
CA GLU A 37 44.76 -9.58 28.53
C GLU A 37 44.81 -8.60 27.37
N LEU A 38 43.78 -7.76 27.25
CA LEU A 38 43.72 -6.78 26.18
C LEU A 38 45.02 -6.03 26.09
N VAL A 39 45.61 -5.72 27.23
CA VAL A 39 46.86 -4.99 27.26
C VAL A 39 48.00 -5.90 26.80
N ALA A 40 48.15 -7.03 27.48
CA ALA A 40 49.21 -7.97 27.20
C ALA A 40 49.24 -8.46 25.75
N TYR A 41 48.07 -8.53 25.10
CA TYR A 41 48.02 -9.00 23.72
C TYR A 41 47.73 -7.87 22.74
N ARG A 42 47.83 -6.65 23.24
CA ARG A 42 47.60 -5.49 22.40
C ARG A 42 46.32 -5.56 21.58
N LYS A 43 45.20 -5.82 22.27
CA LYS A 43 43.88 -5.89 21.61
C LYS A 43 43.27 -4.50 21.58
N LYS A 44 42.38 -4.25 20.62
CA LYS A 44 41.80 -2.92 20.51
C LYS A 44 40.28 -2.85 20.72
N SER A 45 39.75 -3.84 21.41
CA SER A 45 38.33 -3.91 21.70
C SER A 45 38.12 -4.60 23.01
N LEU A 46 37.15 -4.14 23.76
CA LEU A 46 36.83 -4.77 25.00
C LEU A 46 35.39 -5.28 24.82
N ILE A 47 35.19 -6.56 25.07
CA ILE A 47 33.88 -7.18 24.95
C ILE A 47 33.19 -7.15 26.30
N ILE A 48 32.10 -6.38 26.37
CA ILE A 48 31.30 -6.26 27.60
C ILE A 48 29.95 -6.97 27.46
N GLU A 49 29.58 -7.72 28.48
CA GLU A 49 28.29 -8.41 28.48
C GLU A 49 27.24 -7.49 29.10
N PHE A 50 26.13 -7.28 28.38
CA PHE A 50 25.04 -6.43 28.83
C PHE A 50 24.50 -6.83 30.19
N SER A 51 24.24 -8.10 30.41
CA SER A 51 23.71 -8.52 31.69
C SER A 51 24.60 -8.11 32.85
N ASP A 52 25.92 -8.07 32.63
CA ASP A 52 26.84 -7.68 33.71
C ASP A 52 26.59 -6.23 34.11
N VAL A 53 26.57 -5.34 33.13
CA VAL A 53 26.33 -3.93 33.37
C VAL A 53 24.92 -3.76 33.97
N LEU A 54 23.92 -4.37 33.34
CA LEU A 54 22.56 -4.27 33.83
C LEU A 54 22.50 -4.59 35.29
N SER A 55 23.19 -5.66 35.70
CA SER A 55 23.17 -6.07 37.09
C SER A 55 24.02 -5.18 38.01
N PHE A 56 25.00 -4.49 37.45
CA PHE A 56 25.84 -3.62 38.26
C PHE A 56 25.20 -2.26 38.48
N ASN A 57 24.71 -1.67 37.40
CA ASN A 57 24.09 -0.36 37.47
C ASN A 57 23.14 -0.12 36.33
N GLU A 58 21.86 -0.39 36.60
CA GLU A 58 20.76 -0.23 35.65
C GLU A 58 20.75 1.10 34.92
N ASN A 59 21.11 2.17 35.62
CA ASN A 59 21.07 3.44 34.95
C ASN A 59 22.00 3.42 33.76
N LEU A 60 23.22 2.94 33.96
CA LEU A 60 24.19 2.86 32.87
C LEU A 60 23.69 1.95 31.76
N ALA A 61 23.20 0.79 32.16
CA ALA A 61 22.68 -0.18 31.20
C ALA A 61 21.69 0.50 30.28
N TYR A 62 20.72 1.21 30.83
CA TYR A 62 19.74 1.86 29.99
C TYR A 62 20.25 3.06 29.21
N GLU A 63 21.22 3.77 29.76
CA GLU A 63 21.77 4.90 29.04
C GLU A 63 22.42 4.31 27.77
N ILE A 64 23.00 3.13 27.90
CA ILE A 64 23.62 2.47 26.77
C ILE A 64 22.56 2.09 25.75
N ILE A 65 21.38 1.73 26.22
CA ILE A 65 20.30 1.38 25.32
C ILE A 65 19.62 2.59 24.68
N ASN A 66 19.32 3.61 25.50
CA ASN A 66 18.59 4.78 25.00
C ASN A 66 19.39 5.88 24.36
N ASN A 67 20.70 5.93 24.64
CA ASN A 67 21.53 6.99 24.10
C ASN A 67 22.85 6.44 23.56
N THR A 68 22.77 5.21 23.07
CA THR A 68 23.92 4.51 22.50
C THR A 68 24.96 5.30 21.73
N LYS A 69 24.50 6.07 20.74
CA LYS A 69 25.39 6.86 19.89
C LYS A 69 26.21 7.93 20.59
N ILE A 70 25.72 8.50 21.68
CA ILE A 70 26.47 9.52 22.39
C ILE A 70 27.32 8.93 23.50
N ILE A 71 26.71 8.06 24.29
CA ILE A 71 27.39 7.43 25.41
C ILE A 71 28.59 6.54 25.07
N LEU A 72 28.52 5.78 23.98
CA LEU A 72 29.62 4.89 23.67
C LEU A 72 30.99 5.54 23.43
N PRO A 73 31.04 6.62 22.64
CA PRO A 73 32.35 7.24 22.43
C PRO A 73 32.95 7.68 23.78
N ILE A 74 32.11 8.14 24.71
CA ILE A 74 32.61 8.58 26.01
C ILE A 74 33.20 7.41 26.79
N LEU A 75 32.53 6.28 26.77
CA LEU A 75 33.01 5.10 27.48
C LEU A 75 34.34 4.60 26.92
N GLU A 76 34.52 4.68 25.61
CA GLU A 76 35.77 4.23 25.00
C GLU A 76 36.91 5.12 25.46
N GLY A 77 36.63 6.42 25.52
CA GLY A 77 37.61 7.37 25.97
C GLY A 77 37.99 7.06 27.40
N ALA A 78 37.01 6.78 28.24
CA ALA A 78 37.31 6.50 29.64
C ALA A 78 38.11 5.20 29.75
N LEU A 79 37.81 4.24 28.89
CA LEU A 79 38.54 2.99 28.95
C LEU A 79 39.97 3.24 28.52
N TYR A 80 40.14 4.05 27.48
CA TYR A 80 41.45 4.37 26.96
C TYR A 80 42.32 4.99 28.05
N ASP A 81 41.84 6.08 28.64
CA ASP A 81 42.60 6.74 29.68
C ASP A 81 42.97 5.71 30.74
N HIS A 82 42.04 4.85 31.10
CA HIS A 82 42.28 3.84 32.11
C HIS A 82 43.43 2.92 31.69
N ILE A 83 43.47 2.58 30.41
CA ILE A 83 44.50 1.72 29.88
C ILE A 83 45.85 2.41 29.87
N LEU A 84 45.93 3.64 29.39
CA LEU A 84 47.23 4.32 29.38
C LEU A 84 47.76 4.44 30.78
N GLN A 85 46.88 4.27 31.76
CA GLN A 85 47.28 4.37 33.15
C GLN A 85 47.96 3.06 33.53
N LEU A 86 47.40 1.95 33.07
CA LEU A 86 47.97 0.66 33.38
C LEU A 86 49.31 0.52 32.67
N ASP A 87 49.34 0.94 31.41
CA ASP A 87 50.56 0.89 30.61
C ASP A 87 50.56 2.02 29.58
N PRO A 88 51.35 3.07 29.83
CA PRO A 88 51.46 4.23 28.95
C PRO A 88 51.98 3.85 27.56
N THR A 89 52.65 2.70 27.53
CA THR A 89 53.22 2.14 26.30
C THR A 89 52.19 1.67 25.28
N TYR A 90 51.04 1.24 25.77
CA TYR A 90 49.94 0.79 24.94
C TYR A 90 49.75 1.77 23.79
N GLN A 91 49.91 3.06 24.09
CA GLN A 91 49.73 4.12 23.11
C GLN A 91 50.64 4.15 21.91
N ARG A 92 51.80 3.52 22.02
CA ARG A 92 52.71 3.53 20.88
C ARG A 92 52.22 2.57 19.82
N ASP A 93 51.40 1.60 20.22
CA ASP A 93 50.85 0.59 19.30
C ASP A 93 49.39 0.81 18.90
N ILE A 94 48.61 1.42 19.79
CA ILE A 94 47.18 1.63 19.52
C ILE A 94 46.63 3.03 19.79
N GLU A 95 46.02 3.60 18.76
CA GLU A 95 45.45 4.93 18.85
C GLU A 95 44.16 5.01 19.65
N LYS A 96 43.33 3.98 19.56
CA LYS A 96 42.07 3.97 20.30
C LYS A 96 41.44 2.61 20.59
N VAL A 97 40.50 2.58 21.53
CA VAL A 97 39.84 1.35 21.94
C VAL A 97 38.36 1.28 21.57
N HIS A 98 37.86 0.07 21.41
CA HIS A 98 36.45 -0.15 21.07
C HIS A 98 35.79 -0.97 22.15
N VAL A 99 34.63 -0.52 22.61
CA VAL A 99 33.87 -1.29 23.59
C VAL A 99 32.73 -1.92 22.82
N ARG A 100 32.57 -3.23 22.96
CA ARG A 100 31.50 -3.92 22.26
C ARG A 100 30.62 -4.51 23.32
N ILE A 101 29.35 -4.13 23.27
CA ILE A 101 28.37 -4.60 24.20
C ILE A 101 27.52 -5.70 23.55
N VAL A 102 27.73 -6.91 24.03
CA VAL A 102 27.02 -8.05 23.52
C VAL A 102 25.92 -8.39 24.52
N GLY A 103 24.75 -8.78 24.01
CA GLY A 103 23.66 -9.13 24.91
C GLY A 103 22.68 -7.99 25.09
N ILE A 104 22.82 -6.98 24.24
CA ILE A 104 21.96 -5.83 24.25
C ILE A 104 20.64 -6.18 23.59
N PRO A 105 19.52 -5.88 24.27
CA PRO A 105 18.13 -6.13 23.83
C PRO A 105 17.85 -5.86 22.35
N ARG A 106 17.36 -6.87 21.65
CA ARG A 106 17.04 -6.69 20.25
C ARG A 106 15.98 -5.59 20.10
N VAL A 107 15.99 -4.92 18.95
CA VAL A 107 15.01 -3.90 18.69
C VAL A 107 14.02 -4.52 17.72
N ILE A 108 12.82 -4.75 18.22
CA ILE A 108 11.77 -5.37 17.44
C ILE A 108 10.73 -4.38 16.95
N GLU A 109 10.36 -4.51 15.68
CA GLU A 109 9.33 -3.66 15.15
C GLU A 109 8.08 -4.25 15.79
N LEU A 110 7.28 -3.37 16.39
CA LEU A 110 6.03 -3.70 17.09
C LEU A 110 5.18 -4.79 16.45
N ARG A 111 5.01 -4.70 15.15
CA ARG A 111 4.19 -5.67 14.43
C ARG A 111 4.85 -7.02 14.12
N LYS A 112 6.05 -7.27 14.64
CA LYS A 112 6.76 -8.51 14.37
C LYS A 112 7.05 -9.31 15.63
N ILE A 113 6.36 -8.96 16.70
CA ILE A 113 6.49 -9.65 17.96
C ILE A 113 5.87 -11.04 17.82
N ARG A 114 6.63 -12.08 18.13
CA ARG A 114 6.16 -13.46 18.04
C ARG A 114 6.33 -14.17 19.39
N SER A 115 5.86 -15.41 19.49
CA SER A 115 5.97 -16.18 20.72
C SER A 115 7.43 -16.37 21.16
N THR A 116 8.36 -16.30 20.23
CA THR A 116 9.77 -16.47 20.56
C THR A 116 10.35 -15.31 21.38
N ASP A 117 9.58 -14.24 21.52
CA ASP A 117 10.01 -13.06 22.25
C ASP A 117 9.44 -12.99 23.65
N ILE A 118 8.41 -13.79 23.92
CA ILE A 118 7.85 -13.79 25.27
C ILE A 118 8.96 -14.18 26.24
N GLY A 119 9.00 -13.52 27.40
CA GLY A 119 10.00 -13.82 28.41
C GLY A 119 11.41 -13.23 28.29
N LYS A 120 11.68 -12.51 27.21
CA LYS A 120 13.00 -11.95 27.04
C LYS A 120 13.00 -10.43 27.06
N LEU A 121 14.15 -9.82 27.30
CA LEU A 121 14.27 -8.36 27.34
C LEU A 121 14.44 -7.77 25.95
N ILE A 122 13.46 -7.01 25.49
CA ILE A 122 13.52 -6.41 24.16
C ILE A 122 13.26 -4.92 24.27
N THR A 123 13.19 -4.24 23.12
CA THR A 123 12.98 -2.81 23.04
C THR A 123 12.06 -2.49 21.85
N ILE A 124 11.05 -1.66 22.06
CA ILE A 124 10.14 -1.31 20.98
C ILE A 124 10.18 0.17 20.76
N ASP A 125 9.88 0.61 19.55
CA ASP A 125 9.84 2.03 19.25
C ASP A 125 8.41 2.36 18.85
N GLY A 126 7.84 3.39 19.45
CA GLY A 126 6.49 3.74 19.10
C GLY A 126 6.05 5.09 19.61
N ILE A 127 4.74 5.33 19.58
CA ILE A 127 4.17 6.58 20.06
C ILE A 127 3.06 6.27 21.07
N LEU A 128 3.09 6.97 22.19
CA LEU A 128 2.09 6.75 23.22
C LEU A 128 0.74 7.33 22.84
N VAL A 129 -0.32 6.55 23.04
CA VAL A 129 -1.65 7.03 22.71
C VAL A 129 -2.62 6.98 23.86
N LYS A 130 -2.17 6.51 25.01
CA LYS A 130 -3.05 6.43 26.15
C LYS A 130 -2.28 6.08 27.40
N VAL A 131 -2.63 6.77 28.48
CA VAL A 131 -2.00 6.54 29.77
C VAL A 131 -3.12 6.55 30.79
N THR A 132 -3.14 5.63 31.75
CA THR A 132 -4.21 5.68 32.75
C THR A 132 -3.65 6.46 33.93
N PRO A 133 -4.52 6.94 34.83
CA PRO A 133 -3.97 7.68 35.97
C PRO A 133 -3.17 6.72 36.83
N VAL A 134 -2.31 7.24 37.69
CA VAL A 134 -1.53 6.37 38.54
C VAL A 134 -2.39 5.67 39.56
N LYS A 135 -2.32 4.34 39.57
CA LYS A 135 -3.07 3.55 40.53
C LYS A 135 -2.09 2.87 41.50
N GLU A 136 -2.56 1.95 42.34
CA GLU A 136 -1.66 1.29 43.29
C GLU A 136 -1.86 -0.19 43.26
N ARG A 137 -0.76 -0.94 43.27
CA ARG A 137 -0.84 -2.38 43.27
C ARG A 137 -0.29 -2.99 44.54
N ILE A 138 -0.92 -4.07 44.96
CA ILE A 138 -0.49 -4.76 46.16
C ILE A 138 0.53 -5.80 45.77
N TYR A 139 1.69 -5.78 46.41
CA TYR A 139 2.69 -6.79 46.14
C TYR A 139 2.94 -7.56 47.42
N LYS A 140 2.08 -7.32 48.41
CA LYS A 140 2.14 -8.00 49.68
C LYS A 140 1.07 -7.43 50.57
N ALA A 141 0.07 -8.25 50.87
CA ALA A 141 -1.02 -7.81 51.69
C ALA A 141 -0.91 -8.29 53.10
N THR A 142 -1.88 -7.87 53.91
CA THR A 142 -1.97 -8.24 55.30
C THR A 142 -3.46 -8.45 55.54
N TYR A 143 -3.87 -9.70 55.74
CA TYR A 143 -5.29 -9.98 56.01
C TYR A 143 -5.55 -10.19 57.50
N LYS A 144 -6.81 -9.94 57.89
CA LYS A 144 -7.28 -10.13 59.27
C LYS A 144 -8.31 -11.25 59.13
N HIS A 145 -8.18 -12.27 59.96
CA HIS A 145 -9.12 -13.37 59.89
C HIS A 145 -10.30 -13.06 60.82
N ILE A 146 -11.29 -12.34 60.26
CA ILE A 146 -12.50 -12.00 61.00
C ILE A 146 -13.13 -13.32 61.43
N HIS A 147 -12.96 -13.63 62.71
CA HIS A 147 -13.49 -14.85 63.32
C HIS A 147 -13.27 -14.58 64.81
N PRO A 148 -14.31 -14.85 65.63
CA PRO A 148 -14.27 -14.65 67.10
C PRO A 148 -13.17 -15.42 67.87
N ASP A 149 -12.71 -16.55 67.35
CA ASP A 149 -11.63 -17.30 68.02
C ASP A 149 -10.26 -16.84 67.47
N CYS A 150 -10.28 -16.22 66.28
CA CYS A 150 -9.03 -15.80 65.62
C CYS A 150 -8.66 -14.33 65.59
N MET A 151 -9.42 -13.54 64.82
CA MET A 151 -9.19 -12.09 64.67
C MET A 151 -7.70 -11.70 64.67
N GLN A 152 -6.84 -12.50 64.02
CA GLN A 152 -5.42 -12.19 63.93
C GLN A 152 -5.05 -11.72 62.52
N GLU A 153 -3.84 -11.19 62.37
CA GLU A 153 -3.41 -10.68 61.07
C GLU A 153 -2.17 -11.41 60.59
N PHE A 154 -1.88 -11.28 59.30
CA PHE A 154 -0.70 -11.89 58.69
C PHE A 154 -0.53 -11.40 57.25
N GLU A 155 0.71 -11.49 56.77
CA GLU A 155 1.06 -11.09 55.42
C GLU A 155 0.76 -12.28 54.54
N TRP A 156 -0.14 -12.12 53.58
CA TRP A 156 -0.51 -13.27 52.78
C TRP A 156 0.57 -13.98 51.96
N PRO A 157 0.69 -13.70 50.64
CA PRO A 157 1.74 -14.44 49.92
C PRO A 157 3.03 -14.58 50.74
N GLU A 158 3.13 -15.69 51.48
CA GLU A 158 4.26 -15.96 52.34
C GLU A 158 5.49 -16.34 51.53
N ASP A 159 6.55 -15.53 51.67
CA ASP A 159 7.78 -15.84 50.95
C ASP A 159 7.43 -15.87 49.46
N GLU A 160 6.45 -15.07 49.05
CA GLU A 160 6.00 -15.10 47.63
C GLU A 160 5.19 -13.82 47.37
N GLU A 161 5.51 -13.11 46.29
CA GLU A 161 4.79 -11.88 45.96
C GLU A 161 3.34 -12.24 45.52
N MET A 162 2.35 -11.38 45.82
CA MET A 162 0.97 -11.68 45.40
C MET A 162 0.98 -11.75 43.88
N PRO A 163 0.00 -12.48 43.30
CA PRO A 163 -0.11 -12.61 41.84
C PRO A 163 -0.83 -11.38 41.29
N GLU A 164 -0.71 -11.13 40.01
CA GLU A 164 -1.41 -9.97 39.45
C GLU A 164 -2.91 -10.15 39.74
N VAL A 165 -3.37 -11.40 39.82
CA VAL A 165 -4.78 -11.68 40.17
C VAL A 165 -4.69 -11.64 41.69
N LEU A 166 -5.79 -11.32 42.37
CA LEU A 166 -5.73 -11.29 43.83
C LEU A 166 -6.16 -12.65 44.40
N GLU A 167 -5.30 -13.25 45.21
CA GLU A 167 -5.61 -14.54 45.83
C GLU A 167 -5.77 -14.47 47.34
N MET A 168 -6.71 -15.24 47.87
CA MET A 168 -6.94 -15.26 49.30
C MET A 168 -6.45 -16.56 49.98
N PRO A 169 -6.53 -16.62 51.33
CA PRO A 169 -6.10 -17.79 52.13
C PRO A 169 -7.27 -18.68 52.54
N THR A 170 -7.48 -19.81 51.85
CA THR A 170 -8.60 -20.71 52.21
C THR A 170 -8.57 -21.07 53.69
N ILE A 171 -7.38 -21.39 54.18
CA ILE A 171 -7.17 -21.75 55.58
C ILE A 171 -6.25 -20.78 56.34
N CYS A 172 -6.85 -20.06 57.28
CA CYS A 172 -6.14 -19.08 58.12
C CYS A 172 -4.83 -19.70 58.55
N PRO A 173 -3.69 -19.12 58.15
CA PRO A 173 -2.39 -19.70 58.54
C PRO A 173 -2.06 -19.43 60.01
N LYS A 174 -2.84 -18.57 60.66
CA LYS A 174 -2.61 -18.29 62.07
C LYS A 174 -3.46 -19.21 62.96
N CYS A 175 -4.68 -19.50 62.52
CA CYS A 175 -5.59 -20.36 63.27
C CYS A 175 -5.79 -21.73 62.60
N GLY A 176 -5.50 -21.80 61.30
CA GLY A 176 -5.67 -23.05 60.58
C GLY A 176 -7.11 -23.22 60.08
N LYS A 177 -8.05 -22.51 60.70
CA LYS A 177 -9.48 -22.59 60.34
C LYS A 177 -9.93 -21.54 59.28
N PRO A 178 -10.84 -21.94 58.36
CA PRO A 178 -11.31 -21.01 57.32
C PRO A 178 -12.21 -19.89 57.86
N GLY A 179 -12.74 -19.08 56.95
CA GLY A 179 -13.61 -17.98 57.34
C GLY A 179 -13.52 -16.75 56.45
N GLN A 180 -13.91 -15.60 57.01
CA GLN A 180 -13.91 -14.32 56.30
C GLN A 180 -12.61 -13.51 56.48
N PHE A 181 -11.98 -13.17 55.36
CA PHE A 181 -10.73 -12.39 55.36
C PHE A 181 -10.95 -10.93 54.88
N ARG A 182 -10.67 -9.96 55.76
CA ARG A 182 -10.86 -8.52 55.49
C ARG A 182 -9.52 -7.79 55.29
N LEU A 183 -9.01 -7.80 54.07
CA LEU A 183 -7.74 -7.15 53.74
C LEU A 183 -7.44 -5.87 54.51
N ILE A 184 -6.24 -5.78 55.06
CA ILE A 184 -5.86 -4.58 55.80
C ILE A 184 -4.95 -3.72 54.96
N PRO A 185 -5.44 -2.53 54.55
CA PRO A 185 -4.71 -1.55 53.73
C PRO A 185 -3.53 -0.93 54.46
N GLU A 186 -3.78 -0.47 55.68
CA GLU A 186 -2.74 0.17 56.47
C GLU A 186 -1.47 -0.68 56.47
N LYS A 187 -1.59 -1.99 56.69
CA LYS A 187 -0.41 -2.87 56.72
C LYS A 187 -0.05 -3.64 55.45
N THR A 188 -0.76 -3.37 54.36
CA THR A 188 -0.45 -4.00 53.09
C THR A 188 0.54 -3.06 52.39
N LYS A 189 1.48 -3.60 51.62
CA LYS A 189 2.44 -2.72 50.94
C LYS A 189 2.03 -2.50 49.51
N LEU A 190 2.18 -1.25 49.04
CA LEU A 190 1.77 -0.87 47.69
C LEU A 190 2.86 -0.40 46.72
N ILE A 191 2.59 -0.56 45.43
CA ILE A 191 3.53 -0.11 44.41
C ILE A 191 2.79 0.62 43.30
N ASP A 192 3.33 1.75 42.89
CA ASP A 192 2.72 2.54 41.85
C ASP A 192 2.57 1.73 40.56
N TRP A 193 1.42 1.90 39.92
CA TRP A 193 1.04 1.17 38.72
C TRP A 193 0.45 2.10 37.65
N GLN A 194 0.70 1.78 36.39
CA GLN A 194 0.11 2.55 35.31
C GLN A 194 0.05 1.78 33.99
N LYS A 195 -1.13 1.72 33.40
CA LYS A 195 -1.31 1.04 32.12
C LYS A 195 -1.25 2.12 31.03
N ALA A 196 -0.56 1.80 29.94
CA ALA A 196 -0.43 2.71 28.81
C ALA A 196 -0.51 1.93 27.52
N VAL A 197 -0.84 2.62 26.44
CA VAL A 197 -0.87 1.93 25.17
C VAL A 197 -0.01 2.65 24.18
N ILE A 198 0.89 1.90 23.56
CA ILE A 198 1.80 2.40 22.54
C ILE A 198 1.43 1.79 21.19
N GLN A 199 1.53 2.59 20.14
CA GLN A 199 1.20 2.16 18.77
C GLN A 199 2.47 2.15 17.92
N GLU A 200 2.37 1.64 16.70
CA GLU A 200 3.49 1.62 15.78
C GLU A 200 3.79 3.05 15.37
N ARG A 201 5.02 3.29 14.96
CA ARG A 201 5.41 4.61 14.51
C ARG A 201 4.67 4.85 13.19
N PRO A 202 3.90 5.94 13.12
CA PRO A 202 3.13 6.28 11.92
C PRO A 202 3.84 5.98 10.59
N GLU A 203 5.14 6.27 10.52
CA GLU A 203 5.89 6.06 9.31
C GLU A 203 6.02 4.61 8.91
N GLU A 204 5.93 3.70 9.85
CA GLU A 204 6.07 2.31 9.51
C GLU A 204 4.74 1.66 9.10
N VAL A 205 3.69 2.45 8.99
CA VAL A 205 2.38 1.91 8.61
C VAL A 205 1.86 2.36 7.26
N PRO A 206 1.45 1.38 6.45
CA PRO A 206 0.89 1.52 5.09
C PRO A 206 -0.30 2.45 5.11
N SER A 207 -0.34 3.35 4.15
CA SER A 207 -1.42 4.28 4.06
C SER A 207 -2.82 3.66 4.23
N GLY A 208 -3.64 4.31 5.05
CA GLY A 208 -4.99 3.87 5.30
C GLY A 208 -5.13 2.76 6.33
N GLN A 209 -4.06 2.02 6.57
CA GLN A 209 -4.07 0.90 7.51
C GLN A 209 -4.00 1.37 8.94
N LEU A 210 -4.58 0.59 9.86
CA LEU A 210 -4.58 0.89 11.30
C LEU A 210 -3.26 0.40 11.86
N PRO A 211 -2.59 1.22 12.69
CA PRO A 211 -1.31 0.88 13.31
C PRO A 211 -1.54 -0.07 14.47
N ARG A 212 -0.78 -1.15 14.55
CA ARG A 212 -0.98 -2.10 15.63
C ARG A 212 -0.65 -1.47 16.98
N GLN A 213 -1.27 -2.00 18.02
CA GLN A 213 -1.09 -1.48 19.36
C GLN A 213 -0.63 -2.55 20.35
N LEU A 214 -0.06 -2.08 21.46
CA LEU A 214 0.47 -2.93 22.53
C LEU A 214 0.29 -2.31 23.92
N GLU A 215 -0.10 -3.14 24.88
CA GLU A 215 -0.28 -2.69 26.26
C GLU A 215 1.04 -2.85 26.98
N ILE A 216 1.40 -1.85 27.78
CA ILE A 216 2.63 -1.87 28.55
C ILE A 216 2.28 -1.44 29.97
N ILE A 217 3.02 -1.95 30.95
CA ILE A 217 2.78 -1.62 32.35
C ILE A 217 3.98 -0.92 32.97
N LEU A 218 3.73 0.29 33.49
CA LEU A 218 4.79 1.04 34.13
C LEU A 218 4.55 0.93 35.63
N GLU A 219 5.61 0.72 36.39
CA GLU A 219 5.45 0.61 37.83
C GLU A 219 6.52 1.40 38.59
N ASP A 220 6.19 1.80 39.82
CA ASP A 220 7.10 2.56 40.65
C ASP A 220 7.56 3.83 39.94
N ASP A 221 8.87 4.00 39.82
CA ASP A 221 9.48 5.17 39.21
C ASP A 221 9.24 5.42 37.72
N LEU A 222 8.69 4.46 37.01
CA LEU A 222 8.46 4.67 35.59
C LEU A 222 7.13 5.36 35.37
N VAL A 223 6.25 5.20 36.34
CA VAL A 223 4.95 5.84 36.28
C VAL A 223 5.14 7.28 35.79
N ASP A 224 4.32 7.69 34.84
CA ASP A 224 4.36 9.03 34.26
C ASP A 224 5.66 9.50 33.59
N SER A 225 6.38 8.58 32.96
CA SER A 225 7.62 8.93 32.26
C SER A 225 7.32 9.64 30.95
N ALA A 226 6.04 9.68 30.56
CA ALA A 226 5.66 10.33 29.32
C ALA A 226 4.17 10.58 29.23
N ARG A 227 3.77 11.33 28.21
CA ARG A 227 2.38 11.66 28.01
C ARG A 227 1.89 11.22 26.65
N PRO A 228 0.57 11.06 26.49
CA PRO A 228 0.01 10.63 25.21
C PRO A 228 0.43 11.55 24.06
N GLY A 229 0.90 10.96 22.98
CA GLY A 229 1.31 11.77 21.86
C GLY A 229 2.81 11.84 21.78
N ASP A 230 3.47 11.21 22.74
CA ASP A 230 4.93 11.18 22.80
C ASP A 230 5.57 9.98 22.09
N ARG A 231 6.66 10.23 21.37
CA ARG A 231 7.38 9.16 20.69
C ARG A 231 8.34 8.61 21.75
N VAL A 232 8.23 7.32 22.05
CA VAL A 232 9.06 6.75 23.10
C VAL A 232 9.75 5.47 22.72
N LYS A 233 10.75 5.11 23.51
CA LYS A 233 11.51 3.87 23.32
C LYS A 233 11.35 3.08 24.60
N VAL A 234 10.59 2.01 24.52
CA VAL A 234 10.31 1.22 25.70
C VAL A 234 11.08 -0.10 25.70
N THR A 235 11.68 -0.44 26.84
CA THR A 235 12.44 -1.67 26.99
C THR A 235 11.84 -2.45 28.13
N GLY A 236 11.53 -3.72 27.88
CA GLY A 236 10.96 -4.56 28.91
C GLY A 236 10.74 -6.00 28.50
N ILE A 237 10.04 -6.75 29.34
CA ILE A 237 9.78 -8.14 29.06
C ILE A 237 8.33 -8.33 28.71
N LEU A 238 8.08 -9.08 27.64
CA LEU A 238 6.72 -9.34 27.20
C LEU A 238 6.20 -10.54 27.96
N ASP A 239 4.90 -10.55 28.19
CA ASP A 239 4.27 -11.64 28.88
C ASP A 239 2.85 -11.71 28.35
N ILE A 240 2.11 -12.74 28.73
CA ILE A 240 0.74 -12.92 28.27
C ILE A 240 -0.23 -12.67 29.43
N LYS A 241 -1.35 -12.04 29.12
CA LYS A 241 -2.34 -11.74 30.14
C LYS A 241 -3.73 -12.04 29.64
N GLN A 242 -4.72 -11.75 30.48
CA GLN A 242 -6.12 -11.93 30.14
C GLN A 242 -6.90 -10.96 31.01
N ASP A 243 -7.94 -10.37 30.46
CA ASP A 243 -8.74 -9.45 31.24
C ASP A 243 -9.56 -10.24 32.25
N SER A 244 -10.05 -11.40 31.83
CA SER A 244 -10.81 -12.29 32.71
C SER A 244 -9.78 -13.36 33.12
N PRO A 245 -9.11 -13.17 34.26
CA PRO A 245 -8.11 -14.15 34.69
C PRO A 245 -8.52 -15.53 35.25
N VAL A 246 -7.58 -16.46 35.15
CA VAL A 246 -7.69 -17.86 35.60
C VAL A 246 -8.95 -18.64 35.20
N LYS A 247 -9.85 -18.00 34.48
CA LYS A 247 -11.06 -18.68 34.04
C LYS A 247 -10.97 -18.93 32.53
N ARG A 248 -11.91 -19.72 32.01
CA ARG A 248 -11.95 -20.02 30.58
C ARG A 248 -12.31 -18.73 29.84
N GLY A 249 -13.51 -18.69 29.28
CA GLY A 249 -13.96 -17.52 28.54
C GLY A 249 -14.31 -17.89 27.12
N SER A 250 -13.35 -17.70 26.21
CA SER A 250 -13.55 -18.05 24.80
C SER A 250 -12.53 -19.10 24.39
N ARG A 251 -11.39 -19.14 25.08
CA ARG A 251 -10.34 -20.11 24.75
C ARG A 251 -9.12 -20.07 25.69
N ALA A 252 -7.99 -20.52 25.12
CA ALA A 252 -6.70 -20.58 25.77
C ALA A 252 -5.80 -19.67 24.95
N VAL A 253 -6.38 -18.54 24.54
CA VAL A 253 -5.71 -17.53 23.75
C VAL A 253 -5.46 -16.36 24.69
N PHE A 254 -4.25 -15.81 24.63
CA PHE A 254 -3.84 -14.70 25.48
C PHE A 254 -3.32 -13.47 24.77
N ASP A 255 -3.47 -12.34 25.42
CA ASP A 255 -2.99 -11.07 24.89
C ASP A 255 -1.53 -10.93 25.28
N ILE A 256 -0.83 -10.09 24.55
CA ILE A 256 0.57 -9.86 24.82
C ILE A 256 0.71 -8.44 25.38
N TYR A 257 1.54 -8.27 26.40
CA TYR A 257 1.78 -6.94 26.98
C TYR A 257 3.20 -6.89 27.54
N MET A 258 3.75 -5.70 27.64
CA MET A 258 5.10 -5.58 28.15
C MET A 258 5.15 -5.06 29.59
N LYS A 259 6.10 -5.60 30.34
CA LYS A 259 6.34 -5.18 31.72
C LYS A 259 7.56 -4.28 31.56
N VAL A 260 7.32 -2.99 31.44
CA VAL A 260 8.37 -2.00 31.20
C VAL A 260 9.49 -1.96 32.23
N SER A 261 10.72 -1.81 31.74
CA SER A 261 11.89 -1.74 32.62
C SER A 261 12.52 -0.38 32.54
N SER A 262 12.38 0.23 31.36
CA SER A 262 12.93 1.54 31.04
C SER A 262 12.13 2.12 29.88
N ILE A 263 11.84 3.42 29.95
CA ILE A 263 11.08 4.10 28.90
C ILE A 263 11.53 5.54 28.81
N GLU A 264 11.81 5.99 27.60
CA GLU A 264 12.27 7.37 27.38
C GLU A 264 11.62 7.98 26.15
N VAL A 265 11.36 9.28 26.17
CA VAL A 265 10.82 9.90 24.98
C VAL A 265 12.01 10.01 24.03
N SER A 266 11.82 9.56 22.79
CA SER A 266 12.88 9.57 21.78
C SER A 266 12.56 10.48 20.60
N GLN A 267 13.50 10.55 19.68
CA GLN A 267 13.35 11.36 18.49
C GLN A 267 13.37 10.38 17.34
N LYS A 268 12.69 10.72 16.26
CA LYS A 268 12.62 9.88 15.09
C LYS A 268 13.98 9.90 14.42
N VAL A 269 14.40 8.75 13.93
CA VAL A 269 15.69 8.64 13.26
C VAL A 269 15.56 8.22 11.79
N LEU A 270 15.77 9.16 10.89
CA LEU A 270 15.69 8.86 9.45
C LEU A 270 16.87 7.96 9.16
N GLN A 271 16.69 6.97 8.29
CA GLN A 271 17.81 6.10 7.96
C GLN A 271 18.31 6.48 6.56
N GLU A 272 19.51 7.02 6.52
CA GLU A 272 20.16 7.47 5.27
C GLU A 272 20.44 6.34 4.30
N LEU A 273 20.78 6.72 3.07
CA LEU A 273 21.08 5.72 2.05
C LEU A 273 22.57 5.38 2.02
N GLU A 274 22.84 4.10 1.79
CA GLU A 274 24.20 3.58 1.75
C GLU A 274 25.12 4.27 0.76
N ILE A 275 26.24 4.80 1.26
CA ILE A 275 27.23 5.47 0.43
C ILE A 275 28.38 4.50 0.12
N SER A 276 28.69 4.34 -1.15
CA SER A 276 29.77 3.47 -1.56
C SER A 276 30.98 4.32 -1.90
N PRO A 277 32.13 4.09 -1.25
CA PRO A 277 33.29 4.92 -1.59
C PRO A 277 33.56 4.85 -3.09
N GLU A 278 33.06 3.79 -3.71
CA GLU A 278 33.20 3.59 -5.15
C GLU A 278 32.26 4.60 -5.79
N GLU A 279 31.02 4.62 -5.31
CA GLU A 279 30.03 5.56 -5.81
C GLU A 279 30.49 6.99 -5.43
N GLU A 280 30.89 7.18 -4.18
CA GLU A 280 31.37 8.46 -3.67
C GLU A 280 32.40 9.15 -4.57
N GLN A 281 33.22 8.36 -5.26
CA GLN A 281 34.21 8.94 -6.15
C GLN A 281 33.55 9.12 -7.52
N ILE A 282 32.76 8.13 -7.94
CA ILE A 282 32.07 8.22 -9.21
C ILE A 282 31.38 9.57 -9.22
N ILE A 283 30.56 9.81 -8.20
CA ILE A 283 29.86 11.09 -8.07
C ILE A 283 30.90 12.21 -8.06
N LYS A 284 31.89 12.07 -7.20
CA LYS A 284 32.95 13.06 -7.08
C LYS A 284 33.46 13.45 -8.47
N GLU A 285 33.35 12.54 -9.43
CA GLU A 285 33.81 12.77 -10.80
C GLU A 285 32.85 13.69 -11.55
N LEU A 286 31.57 13.29 -11.63
CA LEU A 286 30.57 14.10 -12.31
C LEU A 286 30.59 15.54 -11.85
N ALA A 287 30.78 15.75 -10.55
CA ALA A 287 30.83 17.10 -9.98
C ALA A 287 31.79 17.96 -10.79
N LYS A 288 32.93 17.37 -11.17
CA LYS A 288 33.94 18.06 -11.94
C LYS A 288 33.40 18.49 -13.30
N ARG A 289 32.64 17.60 -13.92
CA ARG A 289 32.06 17.85 -15.24
C ARG A 289 31.56 19.29 -15.38
N LYS A 290 31.64 19.85 -16.59
CA LYS A 290 31.23 21.24 -16.81
C LYS A 290 29.76 21.48 -17.17
N ASP A 291 29.14 20.57 -17.92
CA ASP A 291 27.74 20.76 -18.27
C ASP A 291 26.88 20.00 -17.27
N ILE A 292 27.43 19.84 -16.05
CA ILE A 292 26.75 19.13 -14.97
C ILE A 292 25.34 19.67 -14.74
N VAL A 293 25.25 20.93 -14.35
CA VAL A 293 23.98 21.56 -14.10
C VAL A 293 22.94 21.27 -15.18
N ASP A 294 23.33 21.37 -16.45
CA ASP A 294 22.37 21.18 -17.52
C ASP A 294 22.01 19.72 -17.81
N ALA A 295 22.97 18.82 -17.65
CA ALA A 295 22.70 17.41 -17.90
C ALA A 295 21.58 17.00 -16.97
N ILE A 296 21.79 17.30 -15.70
CA ILE A 296 20.81 16.98 -14.67
C ILE A 296 19.44 17.43 -15.15
N VAL A 297 19.26 18.72 -15.39
CA VAL A 297 17.97 19.23 -15.85
C VAL A 297 17.49 18.47 -17.07
N ASP A 298 18.44 18.08 -17.91
CA ASP A 298 18.11 17.35 -19.13
C ASP A 298 17.91 15.87 -18.86
N SER A 299 18.24 15.45 -17.66
CA SER A 299 18.08 14.05 -17.32
C SER A 299 16.80 13.89 -16.50
N ILE A 300 16.32 15.01 -15.99
CA ILE A 300 15.14 15.03 -15.14
C ILE A 300 13.93 14.31 -15.71
N ALA A 301 13.49 14.69 -16.91
CA ALA A 301 12.33 14.05 -17.50
C ALA A 301 12.33 14.07 -19.03
N PRO A 302 13.19 13.25 -19.65
CA PRO A 302 13.34 13.10 -21.10
C PRO A 302 12.08 12.90 -21.92
N ALA A 303 11.15 12.09 -21.42
CA ALA A 303 9.91 11.85 -22.16
C ALA A 303 9.04 13.09 -22.31
N ILE A 304 9.70 14.25 -22.42
CA ILE A 304 9.00 15.53 -22.59
C ILE A 304 9.84 16.50 -23.42
N TYR A 305 9.18 17.28 -24.28
CA TYR A 305 9.88 18.24 -25.11
C TYR A 305 10.06 19.58 -24.39
N GLY A 306 11.30 20.02 -24.27
CA GLY A 306 11.58 21.30 -23.65
C GLY A 306 11.37 21.46 -22.16
N TYR A 307 10.74 22.57 -21.77
CA TYR A 307 10.47 22.88 -20.38
C TYR A 307 11.77 23.02 -19.60
N LYS A 308 12.83 23.44 -20.30
CA LYS A 308 14.17 23.63 -19.72
C LYS A 308 14.12 24.34 -18.37
N GLU A 309 13.28 25.35 -18.27
CA GLU A 309 13.16 26.11 -17.04
C GLU A 309 12.42 25.28 -15.99
N VAL A 310 11.24 24.80 -16.34
CA VAL A 310 10.44 24.00 -15.42
C VAL A 310 11.21 22.82 -14.83
N LYS A 311 12.05 22.19 -15.65
CA LYS A 311 12.85 21.07 -15.21
C LYS A 311 13.90 21.55 -14.22
N LYS A 312 14.44 22.75 -14.44
CA LYS A 312 15.45 23.29 -13.55
C LYS A 312 14.85 23.59 -12.19
N GLY A 313 13.55 23.91 -12.18
CA GLY A 313 12.88 24.17 -10.93
C GLY A 313 12.95 22.90 -10.12
N ILE A 314 12.28 21.87 -10.63
CA ILE A 314 12.27 20.57 -9.99
C ILE A 314 13.67 20.17 -9.54
N ALA A 315 14.66 20.42 -10.39
CA ALA A 315 16.04 20.08 -10.06
C ALA A 315 16.51 20.74 -8.77
N LEU A 316 16.35 22.05 -8.67
CA LEU A 316 16.76 22.75 -7.46
C LEU A 316 15.99 22.25 -6.25
N ALA A 317 14.71 21.97 -6.45
CA ALA A 317 13.85 21.49 -5.38
C ALA A 317 14.41 20.20 -4.78
N LEU A 318 14.83 19.29 -5.64
CA LEU A 318 15.37 18.02 -5.21
C LEU A 318 16.60 18.16 -4.34
N PHE A 319 17.46 19.12 -4.65
CA PHE A 319 18.67 19.31 -3.86
C PHE A 319 18.40 20.14 -2.61
N GLY A 320 17.52 21.13 -2.75
CA GLY A 320 17.16 21.97 -1.63
C GLY A 320 18.22 22.93 -1.13
N GLY A 321 17.78 23.89 -0.31
CA GLY A 321 18.65 24.89 0.25
C GLY A 321 19.37 24.46 1.52
N VAL A 322 19.91 25.43 2.25
CA VAL A 322 20.65 25.16 3.47
C VAL A 322 19.89 24.31 4.49
N SER A 323 18.72 24.77 4.92
CA SER A 323 17.89 24.04 5.88
C SER A 323 18.48 24.00 7.28
N ARG A 324 18.95 25.14 7.78
CA ARG A 324 19.55 25.20 9.13
C ARG A 324 18.63 25.84 10.18
N LYS A 325 18.43 25.12 11.27
CA LYS A 325 17.59 25.58 12.40
C LYS A 325 18.55 25.86 13.54
N LEU A 326 18.68 27.12 13.95
CA LEU A 326 19.62 27.44 15.03
C LEU A 326 19.03 28.38 16.09
N PRO A 327 19.78 28.62 17.19
CA PRO A 327 19.30 29.49 18.26
C PRO A 327 18.93 30.93 17.89
N ASP A 328 19.92 31.67 17.42
CA ASP A 328 19.76 33.07 17.04
C ASP A 328 18.45 33.36 16.31
N GLY A 329 18.09 32.50 15.36
CA GLY A 329 16.86 32.71 14.61
C GLY A 329 16.08 31.44 14.37
N THR A 330 16.03 30.56 15.36
CA THR A 330 15.33 29.29 15.27
C THR A 330 15.42 28.56 13.94
N ARG A 331 14.29 28.09 13.39
CA ARG A 331 14.33 27.33 12.12
C ARG A 331 14.32 28.09 10.79
N LEU A 332 15.34 27.80 9.98
CA LEU A 332 15.47 28.38 8.66
C LEU A 332 15.31 27.20 7.72
N ARG A 333 14.15 27.11 7.08
CA ARG A 333 13.85 26.03 6.16
C ARG A 333 14.59 26.10 4.83
N GLY A 334 15.22 24.98 4.47
CA GLY A 334 15.96 24.89 3.23
C GLY A 334 15.18 24.19 2.13
N ASP A 335 14.22 23.37 2.53
CA ASP A 335 13.41 22.68 1.54
C ASP A 335 12.75 23.74 0.67
N ILE A 336 12.64 23.45 -0.62
CA ILE A 336 12.03 24.37 -1.57
C ILE A 336 10.83 23.71 -2.20
N HIS A 337 9.72 24.42 -2.27
CA HIS A 337 8.52 23.87 -2.88
C HIS A 337 8.29 24.48 -4.26
N VAL A 338 7.77 23.65 -5.17
CA VAL A 338 7.48 24.09 -6.53
C VAL A 338 6.07 23.72 -6.91
N LEU A 339 5.36 24.66 -7.50
CA LEU A 339 4.00 24.39 -7.91
C LEU A 339 3.82 24.64 -9.40
N LEU A 340 3.06 23.77 -10.05
CA LEU A 340 2.82 23.94 -11.47
C LEU A 340 1.34 24.10 -11.74
N VAL A 341 0.94 25.30 -12.07
CA VAL A 341 -0.46 25.56 -12.40
C VAL A 341 -0.40 25.52 -13.91
N GLY A 342 -1.45 25.06 -14.56
CA GLY A 342 -1.42 25.03 -16.00
C GLY A 342 -2.73 24.65 -16.64
N ASP A 343 -2.79 24.80 -17.96
CA ASP A 343 -4.00 24.46 -18.70
C ASP A 343 -4.15 22.96 -18.71
N PRO A 344 -5.39 22.48 -18.68
CA PRO A 344 -5.59 21.04 -18.70
C PRO A 344 -4.98 20.43 -19.97
N GLY A 345 -4.25 19.34 -19.80
CA GLY A 345 -3.64 18.68 -20.93
C GLY A 345 -2.27 19.23 -21.27
N VAL A 346 -1.60 19.86 -20.31
CA VAL A 346 -0.28 20.42 -20.53
C VAL A 346 0.84 19.58 -19.91
N ALA A 347 0.51 18.34 -19.59
CA ALA A 347 1.49 17.41 -19.02
C ALA A 347 1.79 17.57 -17.53
N LYS A 348 0.98 18.35 -16.81
CA LYS A 348 1.21 18.53 -15.38
C LYS A 348 1.17 17.17 -14.68
N SER A 349 -0.03 16.61 -14.52
CA SER A 349 -0.20 15.33 -13.84
C SER A 349 0.84 14.30 -14.27
N GLN A 350 1.35 14.47 -15.48
CA GLN A 350 2.33 13.56 -16.06
C GLN A 350 3.72 13.77 -15.49
N ILE A 351 4.28 14.95 -15.70
CA ILE A 351 5.63 15.29 -15.25
C ILE A 351 5.92 14.89 -13.80
N LEU A 352 4.94 15.06 -12.93
CA LEU A 352 5.10 14.67 -11.54
C LEU A 352 5.41 13.18 -11.51
N ARG A 353 4.47 12.36 -11.98
CA ARG A 353 4.66 10.91 -12.01
C ARG A 353 6.05 10.52 -12.50
N TYR A 354 6.57 11.25 -13.48
CA TYR A 354 7.88 10.93 -14.02
C TYR A 354 9.01 11.08 -13.00
N VAL A 355 8.91 12.10 -12.16
CA VAL A 355 9.94 12.33 -11.15
C VAL A 355 9.93 11.25 -10.07
N ALA A 356 8.75 10.67 -9.83
CA ALA A 356 8.60 9.61 -8.84
C ALA A 356 9.38 8.38 -9.29
N ASN A 357 9.46 8.19 -10.60
CA ASN A 357 10.20 7.05 -11.16
C ASN A 357 11.68 7.32 -10.89
N LEU A 358 11.96 8.55 -10.45
CA LEU A 358 13.31 8.95 -10.12
C LEU A 358 13.33 9.08 -8.60
N ALA A 359 12.14 8.95 -8.01
CA ALA A 359 11.97 9.03 -6.57
C ALA A 359 12.74 7.96 -5.81
N PRO A 360 13.70 8.39 -4.98
CA PRO A 360 14.56 7.54 -4.16
C PRO A 360 13.91 7.47 -2.77
N ARG A 361 13.28 8.58 -2.39
CA ARG A 361 12.61 8.74 -1.11
C ARG A 361 11.38 9.59 -1.37
N ALA A 362 10.48 9.13 -2.21
CA ALA A 362 9.31 9.91 -2.50
C ALA A 362 7.99 9.19 -2.47
N ILE A 363 6.94 9.98 -2.56
CA ILE A 363 5.58 9.49 -2.56
C ILE A 363 4.78 10.27 -3.57
N TYR A 364 4.17 9.57 -4.53
CA TYR A 364 3.34 10.24 -5.51
C TYR A 364 1.92 9.99 -5.04
N THR A 365 1.15 11.07 -4.98
CA THR A 365 -0.22 10.97 -4.54
C THR A 365 -0.94 12.22 -5.00
N SER A 366 -2.27 12.21 -4.94
CA SER A 366 -3.05 13.34 -5.38
C SER A 366 -3.73 14.12 -4.26
N GLY A 367 -4.26 15.28 -4.62
CA GLY A 367 -4.95 16.13 -3.67
C GLY A 367 -6.17 15.49 -3.07
N LYS A 368 -6.71 14.47 -3.73
CA LYS A 368 -7.89 13.77 -3.22
C LYS A 368 -7.42 12.45 -2.62
N SER A 369 -7.88 12.13 -1.43
CA SER A 369 -7.47 10.89 -0.80
C SER A 369 -8.69 10.11 -0.34
N SER A 370 -8.51 8.83 -0.08
CA SER A 370 -9.62 8.01 0.39
C SER A 370 -9.39 7.71 1.86
N SER A 371 -8.21 8.06 2.34
CA SER A 371 -7.84 7.85 3.74
C SER A 371 -8.06 9.12 4.55
N ALA A 372 -8.26 8.95 5.86
CA ALA A 372 -8.49 10.07 6.74
C ALA A 372 -7.25 10.96 6.82
N ALA A 373 -6.08 10.34 6.96
CA ALA A 373 -4.87 11.12 7.03
C ALA A 373 -4.81 12.11 5.87
N GLY A 374 -4.87 11.57 4.65
CA GLY A 374 -4.81 12.43 3.49
C GLY A 374 -3.39 12.83 3.15
N LEU A 375 -3.11 14.13 3.17
CA LEU A 375 -1.78 14.66 2.84
C LEU A 375 -0.98 15.01 4.09
N THR A 376 -1.65 15.08 5.23
CA THR A 376 -1.00 15.43 6.47
C THR A 376 -0.99 14.27 7.49
N ALA A 377 -1.92 14.30 8.42
CA ALA A 377 -2.05 13.27 9.46
C ALA A 377 -3.40 13.44 10.11
N ALA A 378 -3.74 12.55 11.03
CA ALA A 378 -5.02 12.63 11.70
C ALA A 378 -5.19 11.53 12.74
N ALA A 379 -6.04 11.78 13.72
CA ALA A 379 -6.33 10.83 14.77
C ALA A 379 -7.53 10.05 14.27
N VAL A 380 -7.50 8.74 14.47
CA VAL A 380 -8.55 7.86 14.00
C VAL A 380 -9.04 6.98 15.14
N ARG A 381 -10.27 6.49 15.04
CA ARG A 381 -10.83 5.64 16.07
C ARG A 381 -10.74 4.21 15.60
N ASP A 382 -10.33 3.31 16.49
CA ASP A 382 -10.19 1.91 16.16
C ASP A 382 -11.32 1.14 16.83
N GLU A 383 -12.34 0.78 16.06
CA GLU A 383 -13.48 0.04 16.60
C GLU A 383 -13.09 -1.15 17.45
N PHE A 384 -12.20 -1.98 16.92
CA PHE A 384 -11.73 -3.18 17.58
C PHE A 384 -11.08 -2.97 18.95
N THR A 385 -10.29 -1.91 19.09
CA THR A 385 -9.63 -1.65 20.37
C THR A 385 -10.36 -0.57 21.15
N GLY A 386 -11.09 0.28 20.44
CA GLY A 386 -11.83 1.34 21.08
C GLY A 386 -11.01 2.58 21.40
N GLY A 387 -9.73 2.54 21.07
CA GLY A 387 -8.88 3.69 21.32
C GLY A 387 -8.55 4.45 20.05
N TRP A 388 -8.03 5.66 20.21
CA TRP A 388 -7.66 6.47 19.05
C TRP A 388 -6.22 6.19 18.69
N VAL A 389 -5.84 6.51 17.46
CA VAL A 389 -4.48 6.32 17.05
C VAL A 389 -4.12 7.40 16.04
N LEU A 390 -2.85 7.49 15.70
CA LEU A 390 -2.39 8.49 14.74
C LEU A 390 -2.05 7.78 13.44
N GLU A 391 -2.49 8.37 12.32
CA GLU A 391 -2.21 7.82 10.99
C GLU A 391 -1.46 8.91 10.25
N ALA A 392 -0.45 8.53 9.48
CA ALA A 392 0.31 9.51 8.76
C ALA A 392 -0.10 9.70 7.32
N GLY A 393 -0.26 10.96 6.93
CA GLY A 393 -0.61 11.29 5.56
C GLY A 393 0.67 11.28 4.73
N ALA A 394 0.63 11.93 3.56
CA ALA A 394 1.79 11.96 2.66
C ALA A 394 2.98 12.79 3.11
N LEU A 395 2.75 13.99 3.65
CA LEU A 395 3.86 14.82 4.08
C LEU A 395 4.56 14.18 5.27
N VAL A 396 3.81 13.54 6.16
CA VAL A 396 4.45 12.91 7.30
C VAL A 396 5.19 11.67 6.81
N LEU A 397 4.57 10.88 5.94
CA LEU A 397 5.25 9.69 5.46
C LEU A 397 6.49 10.05 4.67
N ALA A 398 6.41 11.15 3.93
CA ALA A 398 7.52 11.61 3.10
C ALA A 398 8.62 12.35 3.87
N ASP A 399 8.42 12.55 5.16
CA ASP A 399 9.41 13.26 5.97
C ASP A 399 10.83 12.96 5.52
N GLY A 400 11.67 13.98 5.54
CA GLY A 400 13.04 13.81 5.12
C GLY A 400 13.17 13.61 3.62
N GLY A 401 12.04 13.45 2.92
CA GLY A 401 12.08 13.24 1.49
C GLY A 401 11.25 14.16 0.63
N TYR A 402 10.66 13.60 -0.42
CA TYR A 402 9.87 14.35 -1.38
C TYR A 402 8.45 13.86 -1.41
N ALA A 403 7.53 14.76 -1.73
CA ALA A 403 6.12 14.42 -1.81
C ALA A 403 5.55 15.11 -3.03
N LEU A 404 5.44 14.35 -4.12
CA LEU A 404 4.91 14.84 -5.38
C LEU A 404 3.38 14.80 -5.31
N ILE A 405 2.76 15.96 -5.10
CA ILE A 405 1.31 16.03 -4.98
C ILE A 405 0.59 16.49 -6.24
N ASP A 406 -0.27 15.63 -6.77
CA ASP A 406 -1.03 15.92 -7.99
C ASP A 406 -2.42 16.41 -7.61
N GLU A 407 -3.08 17.16 -8.50
CA GLU A 407 -4.43 17.64 -8.24
C GLU A 407 -4.58 18.25 -6.86
N LEU A 408 -3.54 18.96 -6.41
CA LEU A 408 -3.58 19.60 -5.10
C LEU A 408 -4.79 20.52 -5.04
N ASP A 409 -5.29 20.87 -6.22
CA ASP A 409 -6.46 21.71 -6.34
C ASP A 409 -7.61 21.09 -5.55
N LYS A 410 -7.85 19.80 -5.74
CA LYS A 410 -8.92 19.09 -5.05
C LYS A 410 -8.47 18.53 -3.70
N MET A 411 -7.97 19.39 -2.82
CA MET A 411 -7.53 18.89 -1.54
C MET A 411 -8.54 19.07 -0.43
N SER A 412 -8.50 18.13 0.50
CA SER A 412 -9.39 18.09 1.64
C SER A 412 -9.46 19.38 2.45
N ASP A 413 -10.56 19.48 3.17
CA ASP A 413 -10.87 20.59 4.06
C ASP A 413 -9.89 20.52 5.23
N ARG A 414 -9.73 19.32 5.79
CA ARG A 414 -8.80 19.10 6.90
C ARG A 414 -7.40 19.44 6.44
N ASP A 415 -7.05 19.03 5.23
CA ASP A 415 -5.73 19.31 4.72
C ASP A 415 -5.47 20.81 4.59
N ARG A 416 -6.38 21.55 3.99
CA ARG A 416 -6.19 22.99 3.85
C ARG A 416 -5.90 23.66 5.18
N SER A 417 -6.54 23.19 6.24
CA SER A 417 -6.31 23.81 7.54
C SER A 417 -4.86 23.65 7.98
N VAL A 418 -4.42 22.41 8.14
CA VAL A 418 -3.06 22.17 8.59
C VAL A 418 -1.96 22.26 7.52
N ILE A 419 -2.34 22.43 6.26
CA ILE A 419 -1.35 22.50 5.20
C ILE A 419 -0.27 23.57 5.41
N HIS A 420 -0.67 24.78 5.80
CA HIS A 420 0.30 25.87 6.00
C HIS A 420 1.41 25.51 6.98
N GLU A 421 1.03 24.83 8.07
CA GLU A 421 1.97 24.41 9.10
C GLU A 421 3.05 23.48 8.54
N ALA A 422 2.62 22.47 7.79
CA ALA A 422 3.55 21.51 7.22
C ALA A 422 4.55 22.09 6.25
N LEU A 423 4.09 23.01 5.40
CA LEU A 423 4.97 23.59 4.41
C LEU A 423 5.94 24.60 5.02
N GLU A 424 5.46 25.40 5.96
CA GLU A 424 6.33 26.38 6.57
C GLU A 424 7.06 25.86 7.83
N GLN A 425 6.30 25.43 8.84
CA GLN A 425 6.90 24.93 10.08
C GLN A 425 7.50 23.55 9.94
N GLN A 426 7.15 22.87 8.86
CA GLN A 426 7.70 21.55 8.60
C GLN A 426 7.29 20.52 9.67
N THR A 427 6.08 20.67 10.19
CA THR A 427 5.54 19.76 11.21
C THR A 427 4.03 19.81 11.15
N ILE A 428 3.39 18.82 11.76
CA ILE A 428 1.93 18.73 11.80
C ILE A 428 1.51 18.35 13.21
N SER A 429 0.81 19.25 13.92
CA SER A 429 0.35 18.95 15.27
C SER A 429 -1.05 18.38 15.29
N ILE A 430 -1.26 17.37 16.12
CA ILE A 430 -2.56 16.73 16.23
C ILE A 430 -3.00 16.69 17.68
N SER A 431 -4.24 17.09 17.92
CA SER A 431 -4.85 17.10 19.25
C SER A 431 -6.18 16.38 19.23
N LYS A 432 -6.27 15.22 19.85
CA LYS A 432 -7.51 14.48 19.91
C LYS A 432 -7.48 13.57 21.14
N ALA A 433 -8.61 13.42 21.81
CA ALA A 433 -8.71 12.64 23.05
C ALA A 433 -7.63 13.24 23.94
N GLY A 434 -6.79 12.43 24.55
CA GLY A 434 -5.75 13.01 25.37
C GLY A 434 -4.43 13.05 24.63
N ILE A 435 -4.51 12.88 23.32
CA ILE A 435 -3.32 12.85 22.49
C ILE A 435 -2.96 14.16 21.83
N THR A 436 -1.72 14.59 22.06
CA THR A 436 -1.17 15.81 21.49
C THR A 436 0.21 15.39 21.00
N ALA A 437 0.34 15.24 19.69
CA ALA A 437 1.59 14.84 19.11
C ALA A 437 1.97 15.76 17.96
N THR A 438 3.28 15.91 17.77
CA THR A 438 3.84 16.74 16.72
C THR A 438 4.68 15.81 15.85
N LEU A 439 4.29 15.66 14.60
CA LEU A 439 5.02 14.78 13.70
C LEU A 439 5.82 15.60 12.72
N ASN A 440 7.04 15.16 12.44
CA ASN A 440 7.92 15.83 11.49
C ASN A 440 7.43 15.68 10.06
N ALA A 441 7.38 16.80 9.36
CA ALA A 441 6.95 16.84 7.96
C ALA A 441 8.03 17.58 7.15
N ARG A 442 9.28 17.25 7.44
CA ARG A 442 10.38 17.85 6.73
C ARG A 442 10.42 17.21 5.36
N THR A 443 9.58 17.71 4.45
CA THR A 443 9.51 17.15 3.12
C THR A 443 9.40 18.26 2.09
N THR A 444 10.01 18.02 0.94
CA THR A 444 10.00 18.95 -0.18
C THR A 444 8.76 18.68 -1.02
N VAL A 445 8.03 19.73 -1.41
CA VAL A 445 6.82 19.51 -2.18
C VAL A 445 6.78 20.02 -3.61
N ILE A 446 6.26 19.18 -4.48
CA ILE A 446 6.11 19.48 -5.89
C ILE A 446 4.68 19.11 -6.20
N ALA A 447 3.83 20.10 -6.40
CA ALA A 447 2.44 19.83 -6.70
C ALA A 447 2.00 20.39 -8.05
N ALA A 448 0.91 19.85 -8.56
CA ALA A 448 0.35 20.30 -9.82
C ALA A 448 -1.03 20.79 -9.47
N ALA A 449 -1.48 21.86 -10.13
CA ALA A 449 -2.80 22.38 -9.82
C ALA A 449 -3.51 22.90 -11.06
N ASN A 450 -4.84 22.80 -11.08
CA ASN A 450 -5.64 23.28 -12.21
C ASN A 450 -6.53 24.44 -11.78
N PRO A 451 -6.92 25.30 -12.72
CA PRO A 451 -7.79 26.42 -12.37
C PRO A 451 -9.20 25.84 -12.26
N LYS A 452 -10.04 26.42 -11.41
CA LYS A 452 -11.41 25.95 -11.18
C LYS A 452 -12.25 25.53 -12.41
N GLN A 453 -12.35 26.40 -13.40
CA GLN A 453 -13.16 26.15 -14.60
C GLN A 453 -12.42 25.65 -15.84
N GLY A 454 -11.10 25.84 -15.87
CA GLY A 454 -10.33 25.40 -17.02
C GLY A 454 -9.34 26.47 -17.43
N ARG A 455 -8.99 26.54 -18.71
CA ARG A 455 -8.03 27.55 -19.16
C ARG A 455 -8.29 28.88 -18.48
N PHE A 456 -7.24 29.45 -17.92
CA PHE A 456 -7.31 30.73 -17.25
C PHE A 456 -6.60 31.76 -18.09
N ASN A 457 -6.17 31.32 -19.28
CA ASN A 457 -5.45 32.16 -20.24
C ASN A 457 -6.06 33.55 -20.40
N ARG A 458 -7.34 33.67 -20.07
CA ARG A 458 -7.99 34.96 -20.15
C ARG A 458 -7.13 35.96 -19.40
N MET A 459 -7.02 37.15 -19.95
CA MET A 459 -6.23 38.22 -19.36
C MET A 459 -6.34 38.27 -17.83
N LYS A 460 -7.45 37.77 -17.29
CA LYS A 460 -7.64 37.76 -15.84
C LYS A 460 -6.49 37.04 -15.15
N ASN A 461 -6.09 37.58 -14.01
CA ASN A 461 -5.00 37.07 -13.19
C ASN A 461 -5.02 35.54 -13.10
N PRO A 462 -3.84 34.91 -13.03
CA PRO A 462 -3.77 33.45 -12.95
C PRO A 462 -4.14 32.82 -11.62
N PHE A 463 -3.80 33.48 -10.52
CA PHE A 463 -4.06 32.92 -9.20
C PHE A 463 -5.48 32.87 -8.66
N GLU A 464 -6.33 33.79 -9.08
CA GLU A 464 -7.72 33.76 -8.62
C GLU A 464 -8.42 32.60 -9.34
N GLN A 465 -7.85 32.20 -10.48
CA GLN A 465 -8.40 31.12 -11.28
C GLN A 465 -8.14 29.74 -10.70
N ILE A 466 -7.24 29.65 -9.71
CA ILE A 466 -6.92 28.38 -9.08
C ILE A 466 -7.58 28.25 -7.70
N ASP A 467 -8.07 27.05 -7.40
CA ASP A 467 -8.74 26.78 -6.13
C ASP A 467 -7.72 26.56 -5.01
N LEU A 468 -7.00 27.62 -4.69
CA LEU A 468 -5.99 27.59 -3.64
C LEU A 468 -5.83 28.99 -3.09
N PRO A 469 -6.04 29.16 -1.77
CA PRO A 469 -5.91 30.47 -1.13
C PRO A 469 -4.53 31.10 -1.34
N PRO A 470 -4.48 32.42 -1.63
CA PRO A 470 -3.22 33.14 -1.85
C PRO A 470 -2.22 32.95 -0.70
N THR A 471 -2.71 32.46 0.43
CA THR A 471 -1.87 32.24 1.59
C THR A 471 -0.98 31.06 1.26
N LEU A 472 -1.59 30.06 0.65
CA LEU A 472 -0.88 28.84 0.28
C LEU A 472 0.12 29.14 -0.82
N LEU A 473 -0.30 29.89 -1.82
CA LEU A 473 0.57 30.22 -2.93
C LEU A 473 1.88 30.85 -2.48
N SER A 474 1.79 31.82 -1.60
CA SER A 474 2.98 32.50 -1.09
C SER A 474 4.01 31.54 -0.51
N ARG A 475 3.58 30.30 -0.23
CA ARG A 475 4.45 29.29 0.35
C ARG A 475 5.28 28.51 -0.67
N PHE A 476 5.04 28.74 -1.96
CA PHE A 476 5.79 28.04 -2.99
C PHE A 476 6.90 28.92 -3.54
N ASP A 477 8.16 28.50 -3.33
CA ASP A 477 9.31 29.26 -3.82
C ASP A 477 9.19 29.56 -5.32
N LEU A 478 8.64 28.62 -6.07
CA LEU A 478 8.49 28.81 -7.50
C LEU A 478 7.17 28.25 -8.00
N ILE A 479 6.47 29.06 -8.77
CA ILE A 479 5.20 28.67 -9.34
C ILE A 479 5.35 28.93 -10.83
N PHE A 480 5.11 27.90 -11.65
CA PHE A 480 5.20 28.05 -13.09
C PHE A 480 3.80 28.05 -13.65
N VAL A 481 3.37 29.19 -14.17
CA VAL A 481 2.05 29.28 -14.76
C VAL A 481 2.21 28.68 -16.15
N LEU A 482 1.44 27.65 -16.45
CA LEU A 482 1.53 27.02 -17.74
C LEU A 482 0.30 27.20 -18.60
N ILE A 483 0.55 27.40 -19.89
CA ILE A 483 -0.51 27.56 -20.86
C ILE A 483 -0.04 26.92 -22.14
N ASP A 484 -0.98 26.42 -22.93
CA ASP A 484 -0.63 25.81 -24.19
C ASP A 484 -1.25 26.57 -25.34
N GLU A 485 -0.39 27.17 -26.15
CA GLU A 485 -0.84 27.91 -27.33
C GLU A 485 -0.19 27.12 -28.44
N PRO A 486 -0.95 26.82 -29.51
CA PRO A 486 -0.35 26.05 -30.59
C PRO A 486 0.56 26.83 -31.50
N ASP A 487 1.79 26.31 -31.61
CA ASP A 487 2.77 26.89 -32.49
C ASP A 487 3.09 25.71 -33.41
N ASP A 488 2.34 25.62 -34.51
CA ASP A 488 2.48 24.56 -35.51
C ASP A 488 3.68 23.65 -35.25
N LYS A 489 4.87 24.24 -35.26
CA LYS A 489 6.10 23.50 -35.00
C LYS A 489 6.11 22.78 -33.65
N ILE A 490 5.77 23.49 -32.58
CA ILE A 490 5.75 22.93 -31.23
C ILE A 490 4.71 21.82 -31.06
N ASP A 491 3.51 22.05 -31.60
CA ASP A 491 2.45 21.07 -31.52
C ASP A 491 2.97 19.80 -32.17
N SER A 492 3.55 19.97 -33.35
CA SER A 492 4.14 18.88 -34.10
C SER A 492 5.17 18.20 -33.21
N GLU A 493 6.02 19.01 -32.60
CA GLU A 493 7.06 18.49 -31.72
C GLU A 493 6.43 17.62 -30.63
N VAL A 494 5.44 18.16 -29.94
CA VAL A 494 4.76 17.40 -28.90
C VAL A 494 4.15 16.11 -29.45
N ALA A 495 3.43 16.24 -30.56
CA ALA A 495 2.80 15.11 -31.22
C ALA A 495 3.85 14.03 -31.41
N ARG A 496 4.84 14.35 -32.23
CA ARG A 496 5.95 13.45 -32.51
C ARG A 496 6.32 12.73 -31.22
N HIS A 497 6.77 13.52 -30.24
CA HIS A 497 7.18 13.01 -28.93
C HIS A 497 6.18 12.00 -28.37
N ILE A 498 4.90 12.35 -28.39
CA ILE A 498 3.86 11.48 -27.86
C ILE A 498 3.72 10.19 -28.66
N LEU A 499 3.70 10.31 -29.98
CA LEU A 499 3.59 9.13 -30.85
C LEU A 499 4.73 8.17 -30.61
N ARG A 500 5.93 8.73 -30.39
CA ARG A 500 7.09 7.89 -30.14
C ARG A 500 6.94 7.15 -28.82
N VAL A 501 6.54 7.88 -27.79
CA VAL A 501 6.35 7.30 -26.47
C VAL A 501 5.29 6.20 -26.51
N ARG A 502 4.19 6.48 -27.19
CA ARG A 502 3.12 5.49 -27.30
C ARG A 502 3.64 4.24 -28.00
N ARG A 503 4.42 4.41 -29.07
CA ARG A 503 4.97 3.22 -29.72
C ARG A 503 5.92 2.64 -28.69
N GLY A 504 5.74 1.35 -28.40
CA GLY A 504 6.56 0.64 -27.43
C GLY A 504 8.00 1.03 -27.12
N GLU A 505 8.82 0.00 -26.91
CA GLU A 505 10.23 0.16 -26.60
C GLU A 505 10.95 0.89 -27.74
N SER A 506 12.27 0.76 -27.78
CA SER A 506 13.07 1.39 -28.83
C SER A 506 13.06 2.92 -28.76
N GLU A 507 12.83 3.46 -27.56
CA GLU A 507 12.78 4.91 -27.42
C GLU A 507 14.02 5.54 -26.85
N VAL A 508 14.68 6.37 -27.66
CA VAL A 508 15.87 7.06 -27.19
C VAL A 508 15.42 8.23 -26.34
N VAL A 509 14.78 7.88 -25.24
CA VAL A 509 14.27 8.82 -24.27
C VAL A 509 14.86 8.41 -22.92
N ALA A 510 16.19 8.42 -22.85
CA ALA A 510 16.91 8.06 -21.65
C ALA A 510 17.64 9.27 -21.10
N PRO A 511 17.61 9.44 -19.77
CA PRO A 511 18.27 10.56 -19.08
C PRO A 511 19.75 10.68 -19.45
N LYS A 512 20.19 11.90 -19.77
CA LYS A 512 21.57 12.15 -20.13
C LYS A 512 22.51 11.61 -19.04
N ILE A 513 22.13 11.86 -17.79
CA ILE A 513 22.85 11.40 -16.60
C ILE A 513 22.11 10.12 -16.21
N PRO A 514 22.70 9.26 -15.38
CA PRO A 514 22.01 8.02 -14.99
C PRO A 514 21.15 8.15 -13.72
N HIS A 515 19.88 7.78 -13.81
CA HIS A 515 18.98 7.84 -12.66
C HIS A 515 19.57 7.32 -11.36
N GLU A 516 19.63 5.99 -11.19
CA GLU A 516 20.17 5.42 -9.95
C GLU A 516 21.40 6.17 -9.48
N ILE A 517 22.32 6.47 -10.40
CA ILE A 517 23.53 7.20 -10.06
C ILE A 517 23.21 8.62 -9.61
N LEU A 518 22.11 9.16 -10.10
CA LEU A 518 21.70 10.52 -9.74
C LEU A 518 21.07 10.51 -8.34
N ARG A 519 20.25 9.50 -8.07
CA ARG A 519 19.62 9.37 -6.76
C ARG A 519 20.79 9.51 -5.80
N LYS A 520 21.69 8.54 -5.85
CA LYS A 520 22.86 8.55 -4.99
C LYS A 520 23.51 9.93 -5.08
N TYR A 521 23.40 10.56 -6.25
CA TYR A 521 23.99 11.87 -6.43
C TYR A 521 23.38 12.87 -5.47
N ILE A 522 22.06 13.03 -5.58
CA ILE A 522 21.35 13.97 -4.72
C ILE A 522 21.57 13.70 -3.24
N ALA A 523 21.28 12.47 -2.80
CA ALA A 523 21.46 12.11 -1.40
C ALA A 523 22.81 12.59 -0.88
N TYR A 524 23.89 12.19 -1.53
CA TYR A 524 25.20 12.64 -1.08
C TYR A 524 25.09 14.15 -0.96
N ALA A 525 24.55 14.74 -2.01
CA ALA A 525 24.37 16.19 -2.14
C ALA A 525 23.61 16.89 -1.00
N ARG A 526 22.65 16.21 -0.38
CA ARG A 526 21.89 16.82 0.69
C ARG A 526 22.53 16.53 2.05
N LYS A 527 23.22 15.40 2.16
CA LYS A 527 23.89 15.00 3.39
C LYS A 527 25.22 15.69 3.67
N ASN A 528 26.16 15.53 2.75
CA ASN A 528 27.50 16.09 2.94
C ASN A 528 27.84 17.51 2.49
N ILE A 529 27.09 18.09 1.56
CA ILE A 529 27.41 19.45 1.10
C ILE A 529 26.50 20.53 1.63
N HIS A 530 27.10 21.55 2.25
CA HIS A 530 26.31 22.64 2.80
C HIS A 530 26.80 24.03 2.44
N PRO A 531 26.46 24.48 1.23
CA PRO A 531 26.83 25.78 0.66
C PRO A 531 26.78 26.92 1.67
N VAL A 532 27.67 27.88 1.51
CA VAL A 532 27.70 29.02 2.43
C VAL A 532 27.56 30.28 1.58
N ILE A 533 26.75 31.24 2.00
CA ILE A 533 26.57 32.41 1.17
C ILE A 533 27.85 33.13 0.78
N SER A 534 27.90 33.56 -0.48
CA SER A 534 29.06 34.30 -1.00
C SER A 534 28.82 35.82 -0.94
N GLU A 535 29.92 36.57 -0.88
CA GLU A 535 29.84 38.02 -0.82
C GLU A 535 29.20 38.54 -2.10
N GLU A 536 29.68 38.00 -3.23
CA GLU A 536 29.22 38.34 -4.56
C GLU A 536 27.72 38.12 -4.71
N ALA A 537 27.28 36.91 -4.41
CA ALA A 537 25.86 36.59 -4.49
C ALA A 537 25.10 37.65 -3.71
N MET A 538 25.48 37.81 -2.44
CA MET A 538 24.85 38.76 -1.54
C MET A 538 24.62 40.11 -2.20
N GLU A 539 25.61 40.58 -2.95
CA GLU A 539 25.50 41.86 -3.62
C GLU A 539 24.45 41.79 -4.72
N GLU A 540 24.67 40.91 -5.69
CA GLU A 540 23.76 40.75 -6.83
C GLU A 540 22.31 40.64 -6.40
N ILE A 541 21.99 39.62 -5.61
CA ILE A 541 20.64 39.39 -5.14
C ILE A 541 20.04 40.63 -4.50
N GLU A 542 20.80 41.25 -3.61
CA GLU A 542 20.36 42.46 -2.93
C GLU A 542 19.95 43.50 -3.96
N LYS A 543 20.82 43.75 -4.93
CA LYS A 543 20.53 44.72 -5.96
C LYS A 543 19.32 44.24 -6.74
N TYR A 544 19.27 42.94 -7.05
CA TYR A 544 18.13 42.42 -7.80
C TYR A 544 16.86 42.70 -7.02
N TYR A 545 16.87 42.39 -5.73
CA TYR A 545 15.68 42.60 -4.92
C TYR A 545 15.14 44.02 -5.03
N VAL A 546 15.99 45.01 -4.79
CA VAL A 546 15.53 46.39 -4.89
C VAL A 546 15.00 46.65 -6.30
N ARG A 547 15.78 46.22 -7.30
CA ARG A 547 15.39 46.36 -8.69
C ARG A 547 13.97 45.84 -8.93
N MET A 548 13.76 44.54 -8.73
CA MET A 548 12.45 43.90 -8.95
C MET A 548 11.31 44.53 -8.16
N ARG A 549 11.60 45.07 -6.99
CA ARG A 549 10.56 45.68 -6.17
C ARG A 549 10.23 47.05 -6.73
N LYS A 550 11.24 47.70 -7.28
CA LYS A 550 11.07 49.01 -7.90
C LYS A 550 10.17 48.84 -9.12
N SER A 551 10.14 47.61 -9.65
CA SER A 551 9.31 47.27 -10.81
C SER A 551 7.93 47.91 -10.72
N PRO A 566 5.64 45.62 -5.92
CA PRO A 566 4.95 44.38 -6.29
C PRO A 566 5.36 43.12 -5.50
N ILE A 567 6.64 42.77 -5.56
CA ILE A 567 7.21 41.61 -4.89
C ILE A 567 7.20 41.68 -3.34
N THR A 568 7.41 40.54 -2.69
CA THR A 568 7.45 40.48 -1.22
C THR A 568 8.78 39.96 -0.72
N ALA A 569 9.07 40.20 0.56
CA ALA A 569 10.32 39.75 1.16
C ALA A 569 10.36 38.23 1.15
N ARG A 570 9.18 37.61 1.05
CA ARG A 570 9.08 36.16 1.01
C ARG A 570 9.77 35.64 -0.25
N GLN A 571 9.73 36.45 -1.30
CA GLN A 571 10.36 36.08 -2.56
C GLN A 571 11.87 36.07 -2.33
N LEU A 572 12.33 37.03 -1.54
CA LEU A 572 13.74 37.18 -1.20
C LEU A 572 14.17 35.88 -0.52
N GLU A 573 13.31 35.43 0.39
CA GLU A 573 13.49 34.19 1.16
C GLU A 573 13.79 33.05 0.15
N ALA A 574 12.91 32.90 -0.84
CA ALA A 574 13.12 31.86 -1.82
C ALA A 574 14.40 32.08 -2.60
N LEU A 575 14.67 33.33 -2.96
CA LEU A 575 15.86 33.63 -3.73
C LEU A 575 17.06 32.98 -3.09
N ILE A 576 17.31 33.30 -1.83
CA ILE A 576 18.45 32.73 -1.14
C ILE A 576 18.45 31.21 -1.15
N ARG A 577 17.28 30.62 -0.99
CA ARG A 577 17.18 29.16 -1.00
C ARG A 577 17.61 28.57 -2.35
N LEU A 578 17.06 29.11 -3.44
CA LEU A 578 17.39 28.64 -4.78
C LEU A 578 18.88 28.73 -5.06
N SER A 579 19.49 29.82 -4.61
CA SER A 579 20.92 30.04 -4.79
C SER A 579 21.67 28.89 -4.16
N GLU A 580 21.39 28.67 -2.88
CA GLU A 580 22.02 27.60 -2.12
C GLU A 580 21.91 26.31 -2.94
N ALA A 581 20.70 26.02 -3.41
CA ALA A 581 20.42 24.81 -4.19
C ALA A 581 21.33 24.68 -5.41
N HIS A 582 21.36 25.72 -6.24
CA HIS A 582 22.18 25.69 -7.43
C HIS A 582 23.59 25.31 -7.02
N ALA A 583 24.11 26.00 -6.00
CA ALA A 583 25.45 25.73 -5.50
C ALA A 583 25.63 24.30 -5.00
N ARG A 584 24.57 23.70 -4.48
CA ARG A 584 24.64 22.34 -3.97
C ARG A 584 24.86 21.34 -5.11
N MET A 585 24.35 21.67 -6.29
CA MET A 585 24.54 20.81 -7.46
C MET A 585 25.97 21.06 -7.90
N ARG A 586 26.45 22.25 -7.53
CA ARG A 586 27.79 22.67 -7.87
C ARG A 586 28.75 22.08 -6.84
N LEU A 587 28.20 21.72 -5.68
CA LEU A 587 28.93 21.14 -4.56
C LEU A 587 30.13 21.95 -4.12
N SER A 588 30.21 23.22 -4.51
CA SER A 588 31.36 24.05 -4.17
C SER A 588 32.05 23.74 -2.81
N PRO A 589 31.36 23.99 -1.67
CA PRO A 589 30.01 24.51 -1.51
C PRO A 589 30.07 25.99 -1.11
N ILE A 590 29.84 26.85 -2.09
CA ILE A 590 29.80 28.28 -1.87
C ILE A 590 28.91 28.80 -2.97
N VAL A 591 28.20 29.90 -2.71
CA VAL A 591 27.31 30.49 -3.69
C VAL A 591 28.23 31.35 -4.50
N THR A 592 27.83 31.71 -5.70
CA THR A 592 28.64 32.54 -6.58
C THR A 592 27.69 33.35 -7.41
N ARG A 593 28.11 34.54 -7.82
CA ARG A 593 27.22 35.36 -8.63
C ARG A 593 26.53 34.52 -9.69
N GLU A 594 27.31 33.74 -10.43
CA GLU A 594 26.76 32.89 -11.47
C GLU A 594 25.56 32.14 -10.90
N ASP A 595 25.71 31.64 -9.67
CA ASP A 595 24.63 30.93 -8.99
C ASP A 595 23.44 31.87 -8.88
N ALA A 596 23.57 32.89 -8.02
CA ALA A 596 22.51 33.87 -7.80
C ALA A 596 21.85 34.21 -9.11
N ARG A 597 22.66 34.69 -10.05
CA ARG A 597 22.14 35.06 -11.37
C ARG A 597 21.21 33.98 -11.91
N GLU A 598 21.68 32.75 -11.93
CA GLU A 598 20.86 31.67 -12.41
C GLU A 598 19.56 31.65 -11.62
N ALA A 599 19.67 31.72 -10.30
CA ALA A 599 18.48 31.72 -9.44
C ALA A 599 17.50 32.84 -9.81
N ILE A 600 17.99 34.08 -9.87
CA ILE A 600 17.12 35.20 -10.22
C ILE A 600 16.57 35.05 -11.64
N LYS A 601 17.37 34.48 -12.53
CA LYS A 601 16.96 34.28 -13.91
C LYS A 601 15.70 33.42 -13.93
N LEU A 602 15.75 32.29 -13.25
CA LEU A 602 14.60 31.40 -13.19
C LEU A 602 13.41 32.15 -12.62
N MET A 603 13.63 32.81 -11.49
CA MET A 603 12.60 33.57 -10.81
C MET A 603 11.91 34.58 -11.72
N GLU A 604 12.68 35.29 -12.54
CA GLU A 604 12.08 36.26 -13.44
C GLU A 604 11.26 35.57 -14.51
N TYR A 605 11.81 34.52 -15.10
CA TYR A 605 11.07 33.78 -16.13
C TYR A 605 9.69 33.45 -15.59
N THR A 606 9.61 33.04 -14.32
CA THR A 606 8.33 32.69 -13.73
C THR A 606 7.42 33.92 -13.66
N LEU A 607 7.97 35.04 -13.22
CA LEU A 607 7.18 36.26 -13.11
C LEU A 607 6.68 36.75 -14.47
N LYS A 608 7.51 36.73 -15.49
CA LYS A 608 7.04 37.19 -16.79
C LYS A 608 5.97 36.20 -17.27
N GLN A 609 6.00 34.99 -16.73
CA GLN A 609 5.02 33.97 -17.08
C GLN A 609 3.65 34.35 -16.56
N ILE A 610 3.58 34.75 -15.30
CA ILE A 610 2.31 35.14 -14.69
C ILE A 610 1.61 36.13 -15.60
N ALA A 611 2.40 36.92 -16.33
CA ALA A 611 1.86 37.93 -17.25
C ALA A 611 1.06 37.26 -18.38
N MET A 612 1.18 35.94 -18.48
CA MET A 612 0.51 35.12 -19.48
C MET A 612 0.58 35.66 -20.90
N GLN B 8 13.60 -15.85 -4.54
CA GLN B 8 12.98 -17.09 -5.09
C GLN B 8 13.68 -18.36 -4.63
N ILE B 9 12.92 -19.44 -4.57
CA ILE B 9 13.42 -20.75 -4.20
C ILE B 9 13.22 -21.62 -5.44
N ASP B 10 14.00 -22.68 -5.58
CA ASP B 10 13.85 -23.55 -6.73
C ASP B 10 13.18 -24.83 -6.28
N TYR B 11 11.99 -25.08 -6.80
CA TYR B 11 11.27 -26.28 -6.42
C TYR B 11 11.70 -27.45 -7.28
N ARG B 12 12.53 -27.20 -8.30
CA ARG B 12 12.98 -28.27 -9.17
C ARG B 12 13.72 -29.39 -8.45
N ASP B 13 14.55 -29.06 -7.48
CA ASP B 13 15.27 -30.10 -6.76
C ASP B 13 14.38 -30.82 -5.75
N VAL B 14 13.52 -30.07 -5.09
CA VAL B 14 12.63 -30.69 -4.13
C VAL B 14 11.77 -31.69 -4.91
N PHE B 15 11.24 -31.25 -6.05
CA PHE B 15 10.40 -32.11 -6.87
C PHE B 15 11.13 -33.41 -7.23
N ILE B 16 12.33 -33.30 -7.78
CA ILE B 16 13.10 -34.49 -8.12
C ILE B 16 13.38 -35.29 -6.85
N GLU B 17 13.69 -34.58 -5.76
CA GLU B 17 13.95 -35.26 -4.50
C GLU B 17 12.75 -36.06 -4.04
N PHE B 18 11.56 -35.47 -4.16
CA PHE B 18 10.31 -36.14 -3.79
C PHE B 18 10.15 -37.44 -4.60
N LEU B 19 10.43 -37.35 -5.90
CA LEU B 19 10.31 -38.51 -6.78
C LEU B 19 11.29 -39.63 -6.42
N THR B 20 12.54 -39.27 -6.20
CA THR B 20 13.55 -40.26 -5.90
C THR B 20 13.63 -40.77 -4.46
N THR B 21 13.04 -40.06 -3.50
CA THR B 21 13.13 -40.52 -2.11
C THR B 21 11.85 -40.82 -1.35
N PHE B 22 10.70 -40.40 -1.87
CA PHE B 22 9.44 -40.66 -1.18
C PHE B 22 9.35 -42.15 -0.88
N LYS B 23 8.63 -42.50 0.18
CA LYS B 23 8.48 -43.89 0.59
C LYS B 23 7.03 -44.34 0.71
N GLY B 24 6.69 -45.38 -0.04
CA GLY B 24 5.33 -45.91 -0.05
C GLY B 24 4.94 -46.59 1.24
N ASN B 25 3.80 -47.28 1.20
CA ASN B 25 3.26 -47.99 2.36
C ASN B 25 4.18 -49.16 2.72
N ASN B 26 4.84 -49.70 1.71
CA ASN B 26 5.73 -50.83 1.91
C ASN B 26 7.20 -50.42 1.79
N ASN B 27 7.51 -49.22 2.25
CA ASN B 27 8.88 -48.70 2.21
C ASN B 27 9.50 -48.63 0.83
N GLN B 28 8.74 -48.98 -0.19
CA GLN B 28 9.27 -48.91 -1.54
C GLN B 28 9.22 -47.48 -2.05
N ASN B 29 10.07 -47.16 -3.01
CA ASN B 29 10.10 -45.83 -3.59
C ASN B 29 8.98 -45.76 -4.60
N LYS B 30 7.79 -45.47 -4.10
CA LYS B 30 6.58 -45.37 -4.89
C LYS B 30 6.79 -44.78 -6.26
N TYR B 31 7.36 -43.58 -6.32
CA TYR B 31 7.55 -42.92 -7.60
C TYR B 31 8.69 -43.40 -8.50
N ILE B 32 9.70 -44.02 -7.93
CA ILE B 32 10.77 -44.56 -8.74
C ILE B 32 10.12 -45.62 -9.62
N GLU B 33 9.23 -46.42 -9.02
CA GLU B 33 8.55 -47.48 -9.75
C GLU B 33 7.51 -46.92 -10.75
N ARG B 34 6.81 -45.86 -10.39
CA ARG B 34 5.82 -45.29 -11.31
C ARG B 34 6.54 -44.69 -12.50
N ILE B 35 7.69 -44.09 -12.27
CA ILE B 35 8.44 -43.52 -13.38
C ILE B 35 8.97 -44.65 -14.29
N ASN B 36 9.40 -45.77 -13.69
CA ASN B 36 9.93 -46.90 -14.45
C ASN B 36 8.92 -47.51 -15.39
N GLU B 37 7.69 -47.70 -14.92
CA GLU B 37 6.62 -48.27 -15.75
C GLU B 37 6.29 -47.29 -16.85
N LEU B 38 6.24 -46.01 -16.52
CA LEU B 38 5.96 -44.97 -17.50
C LEU B 38 6.97 -45.09 -18.61
N VAL B 39 8.20 -45.43 -18.26
CA VAL B 39 9.25 -45.58 -19.27
C VAL B 39 9.08 -46.86 -20.09
N ALA B 40 8.96 -47.98 -19.39
CA ALA B 40 8.81 -49.29 -20.01
C ALA B 40 7.59 -49.38 -20.92
N TYR B 41 6.54 -48.64 -20.57
CA TYR B 41 5.31 -48.67 -21.34
C TYR B 41 5.11 -47.40 -22.13
N ARG B 42 6.17 -46.61 -22.22
CA ARG B 42 6.07 -45.37 -22.98
C ARG B 42 4.83 -44.53 -22.67
N LYS B 43 4.58 -44.26 -21.39
CA LYS B 43 3.44 -43.42 -20.95
C LYS B 43 3.86 -41.96 -20.99
N LYS B 44 2.90 -41.05 -21.15
CA LYS B 44 3.24 -39.63 -21.22
C LYS B 44 2.62 -38.79 -20.12
N SER B 45 2.25 -39.43 -19.04
CA SER B 45 1.64 -38.75 -17.92
C SER B 45 1.99 -39.45 -16.63
N LEU B 46 2.48 -38.70 -15.68
CA LEU B 46 2.80 -39.29 -14.40
C LEU B 46 1.70 -38.81 -13.44
N ILE B 47 1.11 -39.75 -12.71
CA ILE B 47 0.07 -39.44 -11.75
C ILE B 47 0.70 -39.27 -10.37
N ILE B 48 0.52 -38.09 -9.79
CA ILE B 48 1.05 -37.81 -8.46
C ILE B 48 -0.11 -37.59 -7.49
N GLU B 49 -0.01 -38.14 -6.29
CA GLU B 49 -1.06 -37.91 -5.29
C GLU B 49 -0.68 -36.67 -4.47
N PHE B 50 -1.63 -35.74 -4.34
CA PHE B 50 -1.41 -34.51 -3.57
C PHE B 50 -0.92 -34.85 -2.18
N SER B 51 -1.63 -35.76 -1.50
CA SER B 51 -1.28 -36.14 -0.13
C SER B 51 0.21 -36.49 0.00
N ASP B 52 0.76 -37.23 -0.96
CA ASP B 52 2.17 -37.61 -0.88
C ASP B 52 3.09 -36.39 -0.88
N VAL B 53 2.87 -35.49 -1.83
CA VAL B 53 3.67 -34.27 -1.94
C VAL B 53 3.54 -33.50 -0.62
N LEU B 54 2.29 -33.32 -0.16
CA LEU B 54 2.02 -32.59 1.09
C LEU B 54 2.76 -33.16 2.27
N SER B 55 2.89 -34.48 2.33
CA SER B 55 3.57 -35.09 3.44
C SER B 55 5.10 -35.05 3.29
N PHE B 56 5.59 -34.86 2.07
CA PHE B 56 7.02 -34.81 1.84
C PHE B 56 7.57 -33.40 1.99
N ASN B 57 6.82 -32.42 1.50
CA ASN B 57 7.26 -31.05 1.56
C ASN B 57 6.16 -30.04 1.32
N GLU B 58 5.53 -29.63 2.41
CA GLU B 58 4.45 -28.65 2.42
C GLU B 58 4.64 -27.44 1.50
N ASN B 59 5.86 -26.91 1.44
CA ASN B 59 6.04 -25.74 0.61
C ASN B 59 5.69 -26.04 -0.83
N LEU B 60 6.14 -27.18 -1.33
CA LEU B 60 5.86 -27.56 -2.70
C LEU B 60 4.37 -27.78 -2.89
N ALA B 61 3.78 -28.52 -1.98
CA ALA B 61 2.34 -28.81 -2.06
C ALA B 61 1.56 -27.53 -2.26
N TYR B 62 1.82 -26.53 -1.43
CA TYR B 62 1.10 -25.27 -1.54
C TYR B 62 1.50 -24.42 -2.74
N GLU B 63 2.74 -24.54 -3.19
CA GLU B 63 3.13 -23.76 -4.36
C GLU B 63 2.29 -24.30 -5.54
N ILE B 64 2.02 -25.60 -5.53
CA ILE B 64 1.23 -26.24 -6.56
C ILE B 64 -0.20 -25.73 -6.50
N ILE B 65 -0.68 -25.54 -5.28
CA ILE B 65 -2.04 -25.03 -5.06
C ILE B 65 -2.16 -23.54 -5.40
N ASN B 66 -1.21 -22.73 -4.94
CA ASN B 66 -1.28 -21.28 -5.16
C ASN B 66 -0.70 -20.77 -6.46
N ASN B 67 0.16 -21.53 -7.11
CA ASN B 67 0.81 -21.05 -8.32
C ASN B 67 0.82 -22.14 -9.38
N THR B 68 -0.24 -22.94 -9.39
CA THR B 68 -0.41 -24.03 -10.34
C THR B 68 0.07 -23.74 -11.76
N LYS B 69 -0.53 -22.73 -12.40
CA LYS B 69 -0.18 -22.34 -13.76
C LYS B 69 1.31 -22.17 -14.05
N ILE B 70 2.07 -21.57 -13.14
CA ILE B 70 3.48 -21.37 -13.39
C ILE B 70 4.32 -22.59 -13.01
N ILE B 71 4.09 -23.12 -11.81
CA ILE B 71 4.85 -24.26 -11.33
C ILE B 71 4.73 -25.55 -12.16
N LEU B 72 3.54 -25.88 -12.65
CA LEU B 72 3.36 -27.11 -13.39
C LEU B 72 4.31 -27.35 -14.55
N PRO B 73 4.38 -26.40 -15.49
CA PRO B 73 5.28 -26.58 -16.64
C PRO B 73 6.73 -26.85 -16.19
N ILE B 74 7.17 -26.20 -15.11
CA ILE B 74 8.51 -26.39 -14.61
C ILE B 74 8.73 -27.82 -14.12
N LEU B 75 7.76 -28.36 -13.39
CA LEU B 75 7.87 -29.71 -12.88
C LEU B 75 7.88 -30.72 -14.02
N GLU B 76 7.06 -30.46 -15.04
CA GLU B 76 7.00 -31.35 -16.19
C GLU B 76 8.38 -31.36 -16.85
N GLY B 77 8.95 -30.19 -17.01
CA GLY B 77 10.28 -30.09 -17.60
C GLY B 77 11.28 -30.89 -16.80
N ALA B 78 11.24 -30.77 -15.48
CA ALA B 78 12.18 -31.48 -14.64
C ALA B 78 11.98 -32.98 -14.69
N LEU B 79 10.75 -33.42 -14.86
CA LEU B 79 10.50 -34.84 -14.91
C LEU B 79 11.06 -35.36 -16.23
N TYR B 80 10.81 -34.61 -17.30
CA TYR B 80 11.28 -34.99 -18.62
C TYR B 80 12.78 -35.24 -18.58
N ASP B 81 13.53 -34.24 -18.12
CA ASP B 81 14.96 -34.40 -18.04
C ASP B 81 15.30 -35.62 -17.19
N HIS B 82 14.66 -35.78 -16.04
CA HIS B 82 14.96 -36.93 -15.21
C HIS B 82 14.76 -38.20 -16.06
N ILE B 83 13.73 -38.20 -16.90
CA ILE B 83 13.45 -39.35 -17.75
C ILE B 83 14.51 -39.57 -18.83
N LEU B 84 14.83 -38.55 -19.61
CA LEU B 84 15.83 -38.75 -20.64
C LEU B 84 17.12 -39.22 -20.02
N GLN B 85 17.27 -39.01 -18.72
CA GLN B 85 18.48 -39.45 -18.03
C GLN B 85 18.42 -40.94 -17.81
N LEU B 86 17.22 -41.46 -17.56
CA LEU B 86 17.08 -42.87 -17.35
C LEU B 86 17.15 -43.60 -18.67
N ASP B 87 16.49 -43.03 -19.69
CA ASP B 87 16.45 -43.60 -21.03
C ASP B 87 16.41 -42.50 -22.10
N PRO B 88 17.59 -42.14 -22.64
CA PRO B 88 17.75 -41.10 -23.67
C PRO B 88 16.87 -41.37 -24.88
N THR B 89 16.53 -42.64 -25.01
CA THR B 89 15.70 -43.13 -26.09
C THR B 89 14.25 -42.70 -25.97
N TYR B 90 13.74 -42.68 -24.75
CA TYR B 90 12.36 -42.27 -24.50
C TYR B 90 12.00 -41.09 -25.38
N GLN B 91 12.99 -40.27 -25.70
CA GLN B 91 12.79 -39.08 -26.50
C GLN B 91 12.43 -39.28 -27.96
N ARG B 92 12.73 -40.44 -28.52
CA ARG B 92 12.41 -40.64 -29.92
C ARG B 92 10.94 -41.00 -30.11
N ASP B 93 10.25 -41.29 -29.01
CA ASP B 93 8.82 -41.63 -29.05
C ASP B 93 7.93 -40.57 -28.37
N ILE B 94 8.48 -39.84 -27.41
CA ILE B 94 7.71 -38.82 -26.69
C ILE B 94 8.41 -37.48 -26.49
N GLU B 95 7.71 -36.41 -26.86
CA GLU B 95 8.24 -35.06 -26.76
C GLU B 95 8.09 -34.44 -25.37
N LYS B 96 6.93 -34.64 -24.76
CA LYS B 96 6.59 -34.08 -23.46
C LYS B 96 5.99 -35.06 -22.47
N VAL B 97 6.02 -34.71 -21.18
CA VAL B 97 5.43 -35.52 -20.14
C VAL B 97 4.47 -34.60 -19.43
N HIS B 98 3.39 -35.16 -18.89
CA HIS B 98 2.43 -34.36 -18.13
C HIS B 98 2.40 -34.92 -16.72
N VAL B 99 2.36 -34.04 -15.73
CA VAL B 99 2.24 -34.51 -14.37
C VAL B 99 0.80 -34.20 -13.98
N ARG B 100 0.12 -35.15 -13.38
CA ARG B 100 -1.26 -34.92 -12.99
C ARG B 100 -1.33 -35.06 -11.49
N ILE B 101 -1.89 -34.06 -10.84
CA ILE B 101 -1.99 -34.09 -9.41
C ILE B 101 -3.41 -34.41 -8.98
N VAL B 102 -3.57 -35.64 -8.52
CA VAL B 102 -4.86 -36.09 -8.06
C VAL B 102 -4.97 -35.87 -6.56
N GLY B 103 -6.04 -35.21 -6.16
CA GLY B 103 -6.23 -34.98 -4.74
C GLY B 103 -5.94 -33.56 -4.29
N ILE B 104 -5.87 -32.59 -5.21
CA ILE B 104 -5.64 -31.24 -4.78
C ILE B 104 -6.94 -30.77 -4.19
N PRO B 105 -6.86 -30.02 -3.09
CA PRO B 105 -8.04 -29.49 -2.41
C PRO B 105 -9.02 -28.87 -3.42
N ARG B 106 -10.31 -29.07 -3.19
CA ARG B 106 -11.29 -28.50 -4.09
C ARG B 106 -11.42 -27.00 -3.86
N VAL B 107 -11.77 -26.27 -4.90
CA VAL B 107 -11.97 -24.84 -4.77
C VAL B 107 -13.48 -24.61 -4.64
N ILE B 108 -13.86 -24.13 -3.47
CA ILE B 108 -15.26 -23.89 -3.17
C ILE B 108 -15.57 -22.41 -3.09
N GLU B 109 -16.73 -22.04 -3.62
CA GLU B 109 -17.17 -20.66 -3.55
C GLU B 109 -17.69 -20.56 -2.12
N LEU B 110 -17.20 -19.57 -1.40
CA LEU B 110 -17.53 -19.31 0.00
C LEU B 110 -18.97 -19.58 0.36
N ARG B 111 -19.88 -19.10 -0.48
CA ARG B 111 -21.30 -19.29 -0.23
C ARG B 111 -21.83 -20.71 -0.41
N LYS B 112 -21.01 -21.66 -0.86
CA LYS B 112 -21.47 -23.03 -1.07
C LYS B 112 -20.90 -24.02 -0.08
N ILE B 113 -20.30 -23.54 0.98
CA ILE B 113 -19.76 -24.41 1.99
C ILE B 113 -20.95 -25.12 2.64
N ARG B 114 -20.86 -26.43 2.80
CA ARG B 114 -21.92 -27.22 3.41
C ARG B 114 -21.26 -28.19 4.38
N SER B 115 -22.07 -28.96 5.11
CA SER B 115 -21.55 -29.91 6.09
C SER B 115 -20.60 -30.96 5.53
N THR B 116 -20.72 -31.29 4.25
CA THR B 116 -19.86 -32.30 3.64
C THR B 116 -18.42 -31.80 3.43
N ASP B 117 -18.13 -30.57 3.84
CA ASP B 117 -16.81 -30.01 3.69
C ASP B 117 -16.09 -29.91 5.01
N ILE B 118 -16.84 -30.04 6.10
CA ILE B 118 -16.24 -30.00 7.41
C ILE B 118 -15.26 -31.16 7.47
N GLY B 119 -14.09 -30.94 8.04
CA GLY B 119 -13.11 -32.00 8.15
C GLY B 119 -12.12 -32.23 7.01
N LYS B 120 -12.34 -31.60 5.87
CA LYS B 120 -11.50 -31.78 4.68
C LYS B 120 -10.66 -30.56 4.31
N LEU B 121 -9.66 -30.76 3.47
CA LEU B 121 -8.80 -29.69 3.03
C LEU B 121 -9.38 -29.03 1.80
N ILE B 122 -9.79 -27.77 1.91
CA ILE B 122 -10.36 -27.07 0.76
C ILE B 122 -9.62 -25.75 0.55
N THR B 123 -10.05 -24.96 -0.43
CA THR B 123 -9.44 -23.69 -0.74
C THR B 123 -10.53 -22.68 -1.09
N ILE B 124 -10.51 -21.51 -0.47
CA ILE B 124 -11.50 -20.48 -0.76
C ILE B 124 -10.82 -19.26 -1.32
N ASP B 125 -11.54 -18.51 -2.15
CA ASP B 125 -11.00 -17.29 -2.73
C ASP B 125 -11.82 -16.14 -2.15
N GLY B 126 -11.16 -15.15 -1.57
CA GLY B 126 -11.91 -14.05 -1.02
C GLY B 126 -11.07 -12.82 -0.74
N ILE B 127 -11.64 -11.86 -0.03
CA ILE B 127 -10.92 -10.64 0.33
C ILE B 127 -10.96 -10.42 1.84
N LEU B 128 -9.79 -10.17 2.42
CA LEU B 128 -9.65 -9.96 3.85
C LEU B 128 -10.29 -8.64 4.29
N VAL B 129 -11.06 -8.69 5.37
CA VAL B 129 -11.72 -7.47 5.87
C VAL B 129 -11.46 -7.13 7.32
N LYS B 130 -10.89 -8.06 8.07
CA LYS B 130 -10.56 -7.85 9.47
C LYS B 130 -9.41 -8.77 9.88
N VAL B 131 -8.52 -8.26 10.71
CA VAL B 131 -7.40 -9.04 11.21
C VAL B 131 -7.21 -8.64 12.67
N THR B 132 -7.14 -9.60 13.60
CA THR B 132 -6.93 -9.20 14.98
C THR B 132 -5.42 -9.12 15.21
N PRO B 133 -5.00 -8.45 16.29
CA PRO B 133 -3.56 -8.38 16.52
C PRO B 133 -3.04 -9.77 16.87
N VAL B 134 -1.74 -9.99 16.72
CA VAL B 134 -1.19 -11.29 17.05
C VAL B 134 -1.30 -11.57 18.53
N LYS B 135 -1.89 -12.71 18.86
CA LYS B 135 -2.04 -13.13 20.25
C LYS B 135 -1.22 -14.42 20.47
N GLU B 136 -1.36 -15.05 21.63
CA GLU B 136 -0.62 -16.28 21.91
C GLU B 136 -1.55 -17.34 22.46
N ARG B 137 -1.39 -18.57 21.98
CA ARG B 137 -2.22 -19.65 22.45
C ARG B 137 -1.41 -20.75 23.11
N ILE B 138 -1.90 -21.22 24.25
CA ILE B 138 -1.24 -22.28 24.97
C ILE B 138 -1.63 -23.62 24.32
N TYR B 139 -0.67 -24.38 23.81
CA TYR B 139 -1.07 -25.68 23.28
C TYR B 139 -0.67 -26.71 24.32
N LYS B 140 0.28 -26.36 25.17
CA LYS B 140 0.71 -27.26 26.23
C LYS B 140 1.07 -26.45 27.47
N ALA B 141 0.30 -26.64 28.53
CA ALA B 141 0.51 -25.91 29.77
C ALA B 141 1.36 -26.60 30.81
N THR B 142 1.69 -25.82 31.83
CA THR B 142 2.45 -26.25 32.99
C THR B 142 1.61 -25.71 34.17
N TYR B 143 1.13 -26.62 35.03
CA TYR B 143 0.32 -26.19 36.17
C TYR B 143 0.94 -26.55 37.54
N LYS B 144 0.66 -25.68 38.52
CA LYS B 144 1.14 -25.89 39.90
C LYS B 144 -0.03 -26.06 40.87
N HIS B 145 0.10 -27.07 41.73
CA HIS B 145 -0.94 -27.38 42.71
C HIS B 145 -0.77 -26.56 44.00
N ILE B 146 -1.35 -25.36 44.03
CA ILE B 146 -1.28 -24.52 45.23
C ILE B 146 -1.97 -25.31 46.35
N HIS B 147 -1.15 -25.96 47.18
CA HIS B 147 -1.63 -26.77 48.30
C HIS B 147 -0.36 -27.07 49.12
N PRO B 148 -0.43 -26.83 50.45
CA PRO B 148 0.70 -27.05 51.36
C PRO B 148 1.31 -28.47 51.32
N ASP B 149 0.50 -29.50 51.05
CA ASP B 149 1.06 -30.86 50.97
C ASP B 149 1.68 -31.14 49.59
N CYS B 150 1.24 -30.42 48.57
CA CYS B 150 1.76 -30.64 47.20
C CYS B 150 2.70 -29.61 46.63
N MET B 151 2.13 -28.47 46.24
CA MET B 151 2.89 -27.36 45.65
C MET B 151 3.86 -27.84 44.55
N GLN B 152 3.43 -28.81 43.73
CA GLN B 152 4.29 -29.31 42.64
C GLN B 152 3.83 -28.78 41.26
N GLU B 153 4.61 -29.11 40.23
CA GLU B 153 4.29 -28.67 38.88
C GLU B 153 4.06 -29.87 37.97
N PHE B 154 3.44 -29.62 36.82
CA PHE B 154 3.19 -30.68 35.83
C PHE B 154 2.50 -30.10 34.59
N GLU B 155 2.90 -30.62 33.44
CA GLU B 155 2.33 -30.22 32.17
C GLU B 155 0.95 -30.83 32.17
N TRP B 156 -0.06 -30.05 31.83
CA TRP B 156 -1.39 -30.61 31.94
C TRP B 156 -1.84 -31.62 30.89
N PRO B 157 -2.64 -31.20 29.86
CA PRO B 157 -3.05 -32.23 28.89
C PRO B 157 -1.91 -33.20 28.64
N GLU B 158 -1.94 -34.32 29.38
CA GLU B 158 -0.91 -35.36 29.30
C GLU B 158 -1.10 -36.21 28.05
N ASP B 159 -0.06 -36.22 27.19
CA ASP B 159 -0.11 -36.98 25.96
C ASP B 159 -1.25 -36.42 25.09
N GLU B 160 -1.72 -35.24 25.47
CA GLU B 160 -2.88 -34.62 24.77
C GLU B 160 -2.66 -33.10 24.71
N GLU B 161 -2.85 -32.52 23.52
CA GLU B 161 -2.67 -31.08 23.38
C GLU B 161 -3.80 -30.37 24.14
N MET B 162 -3.49 -29.23 24.76
CA MET B 162 -4.53 -28.46 25.47
C MET B 162 -5.56 -28.14 24.40
N PRO B 163 -6.84 -28.27 24.73
CA PRO B 163 -7.87 -27.97 23.73
C PRO B 163 -8.07 -26.46 23.56
N GLU B 164 -8.82 -26.07 22.55
CA GLU B 164 -9.05 -24.64 22.35
C GLU B 164 -9.53 -24.04 23.67
N VAL B 165 -10.44 -24.73 24.35
CA VAL B 165 -10.94 -24.24 25.63
C VAL B 165 -9.89 -24.55 26.70
N LEU B 166 -9.89 -23.78 27.77
CA LEU B 166 -8.92 -24.01 28.84
C LEU B 166 -9.55 -24.99 29.82
N GLU B 167 -8.86 -26.10 30.06
CA GLU B 167 -9.36 -27.13 30.99
C GLU B 167 -8.27 -27.54 31.96
N MET B 168 -8.45 -27.25 33.25
CA MET B 168 -7.46 -27.62 34.24
C MET B 168 -7.94 -28.86 35.00
N PRO B 169 -6.99 -29.73 35.43
CA PRO B 169 -7.24 -30.98 36.16
C PRO B 169 -8.05 -30.79 37.45
N THR B 170 -9.03 -31.66 37.67
CA THR B 170 -9.84 -31.60 38.88
C THR B 170 -8.95 -32.21 39.97
N ILE B 171 -8.35 -33.36 39.65
CA ILE B 171 -7.47 -34.08 40.58
C ILE B 171 -5.99 -33.98 40.19
N CYS B 172 -5.21 -33.34 41.06
CA CYS B 172 -3.77 -33.19 40.87
C CYS B 172 -3.18 -34.55 40.50
N PRO B 173 -2.43 -34.63 39.38
CA PRO B 173 -1.83 -35.91 38.94
C PRO B 173 -0.51 -36.21 39.64
N LYS B 174 -0.08 -35.33 40.54
CA LYS B 174 1.16 -35.53 41.26
C LYS B 174 0.82 -36.02 42.67
N CYS B 175 -0.15 -35.35 43.28
CA CYS B 175 -0.59 -35.68 44.63
C CYS B 175 -1.88 -36.50 44.62
N GLY B 176 -2.72 -36.28 43.62
CA GLY B 176 -3.99 -37.01 43.57
C GLY B 176 -5.14 -36.28 44.27
N LYS B 177 -4.80 -35.30 45.11
CA LYS B 177 -5.80 -34.53 45.87
C LYS B 177 -6.17 -33.18 45.22
N PRO B 178 -7.48 -32.92 45.06
CA PRO B 178 -7.96 -31.68 44.43
C PRO B 178 -7.50 -30.42 45.16
N GLY B 179 -7.87 -29.26 44.59
CA GLY B 179 -7.49 -27.98 45.16
C GLY B 179 -7.32 -26.89 44.11
N GLN B 180 -6.62 -25.82 44.48
CA GLN B 180 -6.37 -24.65 43.59
C GLN B 180 -5.21 -24.82 42.59
N PHE B 181 -5.46 -24.56 41.31
CA PHE B 181 -4.39 -24.68 40.30
C PHE B 181 -3.91 -23.31 39.75
N ARG B 182 -2.59 -23.09 39.77
CA ARG B 182 -2.01 -21.83 39.27
C ARG B 182 -1.10 -21.99 38.02
N LEU B 183 -1.58 -21.47 36.90
CA LEU B 183 -0.85 -21.58 35.64
C LEU B 183 0.58 -21.06 35.76
N ILE B 184 1.53 -21.75 35.11
CA ILE B 184 2.91 -21.30 35.12
C ILE B 184 3.28 -20.95 33.69
N PRO B 185 3.20 -19.65 33.34
CA PRO B 185 3.53 -19.14 31.99
C PRO B 185 4.95 -19.50 31.53
N GLU B 186 5.95 -19.21 32.37
CA GLU B 186 7.35 -19.49 32.03
C GLU B 186 7.64 -20.92 31.54
N LYS B 187 6.89 -21.90 32.03
CA LYS B 187 7.13 -23.28 31.60
C LYS B 187 6.08 -23.80 30.61
N THR B 188 5.10 -22.95 30.30
CA THR B 188 4.04 -23.28 29.35
C THR B 188 4.54 -22.93 27.94
N LYS B 189 4.08 -23.68 26.94
CA LYS B 189 4.48 -23.44 25.55
C LYS B 189 3.41 -22.70 24.78
N LEU B 190 3.83 -21.65 24.07
CA LEU B 190 2.90 -20.82 23.31
C LEU B 190 3.03 -20.91 21.79
N ILE B 191 1.95 -20.58 21.08
CA ILE B 191 1.93 -20.58 19.62
C ILE B 191 1.19 -19.34 19.18
N ASP B 192 1.77 -18.60 18.24
CA ASP B 192 1.15 -17.39 17.76
C ASP B 192 -0.24 -17.69 17.21
N TRP B 193 -1.17 -16.77 17.42
CA TRP B 193 -2.55 -16.97 17.00
C TRP B 193 -3.15 -15.70 16.40
N GLN B 194 -4.02 -15.84 15.42
CA GLN B 194 -4.65 -14.68 14.82
C GLN B 194 -5.97 -14.99 14.15
N LYS B 195 -6.99 -14.19 14.45
CA LYS B 195 -8.30 -14.38 13.85
C LYS B 195 -8.49 -13.30 12.78
N ALA B 196 -9.01 -13.71 11.63
CA ALA B 196 -9.25 -12.78 10.53
C ALA B 196 -10.57 -13.10 9.88
N VAL B 197 -11.16 -12.13 9.22
CA VAL B 197 -12.40 -12.41 8.55
C VAL B 197 -12.30 -12.19 7.05
N ILE B 198 -12.74 -13.19 6.30
CA ILE B 198 -12.70 -13.13 4.85
C ILE B 198 -14.11 -13.12 4.29
N GLN B 199 -14.32 -12.30 3.25
CA GLN B 199 -15.62 -12.15 2.61
C GLN B 199 -15.52 -12.65 1.17
N GLU B 200 -16.68 -12.83 0.53
CA GLU B 200 -16.77 -13.27 -0.85
C GLU B 200 -16.16 -12.20 -1.74
N ARG B 201 -15.68 -12.63 -2.89
CA ARG B 201 -15.11 -11.74 -3.87
C ARG B 201 -16.25 -10.83 -4.33
N PRO B 202 -16.07 -9.51 -4.21
CA PRO B 202 -17.12 -8.59 -4.62
C PRO B 202 -17.85 -8.96 -5.92
N GLU B 203 -17.09 -9.42 -6.91
CA GLU B 203 -17.65 -9.78 -8.21
C GLU B 203 -18.67 -10.91 -8.16
N GLU B 204 -18.51 -11.81 -7.20
CA GLU B 204 -19.43 -12.91 -7.12
C GLU B 204 -20.70 -12.62 -6.31
N VAL B 205 -20.89 -11.35 -5.92
CA VAL B 205 -22.08 -10.99 -5.13
C VAL B 205 -23.04 -10.04 -5.87
N PRO B 206 -24.33 -10.43 -5.92
CA PRO B 206 -25.42 -9.71 -6.57
C PRO B 206 -25.47 -8.28 -6.05
N SER B 207 -25.72 -7.36 -6.96
CA SER B 207 -25.80 -5.97 -6.56
C SER B 207 -26.70 -5.69 -5.35
N GLY B 208 -26.21 -4.82 -4.48
CA GLY B 208 -26.92 -4.43 -3.27
C GLY B 208 -26.95 -5.47 -2.17
N GLN B 209 -26.58 -6.70 -2.50
CA GLN B 209 -26.58 -7.80 -1.55
C GLN B 209 -25.33 -7.76 -0.68
N LEU B 210 -25.43 -8.28 0.54
CA LEU B 210 -24.30 -8.34 1.47
C LEU B 210 -23.52 -9.60 1.15
N PRO B 211 -22.19 -9.51 1.08
CA PRO B 211 -21.34 -10.67 0.78
C PRO B 211 -21.15 -11.50 2.04
N ARG B 212 -21.22 -12.82 1.93
CA ARG B 212 -21.07 -13.68 3.10
C ARG B 212 -19.64 -13.63 3.63
N GLN B 213 -19.48 -13.91 4.91
CA GLN B 213 -18.20 -13.86 5.55
C GLN B 213 -17.84 -15.17 6.25
N LEU B 214 -16.55 -15.34 6.53
CA LEU B 214 -16.03 -16.54 7.18
C LEU B 214 -14.86 -16.25 8.13
N GLU B 215 -14.92 -16.79 9.34
CA GLU B 215 -13.83 -16.63 10.28
C GLU B 215 -12.77 -17.64 9.94
N ILE B 216 -11.51 -17.23 10.00
CA ILE B 216 -10.39 -18.11 9.73
C ILE B 216 -9.32 -17.90 10.81
N ILE B 217 -8.61 -18.95 11.17
CA ILE B 217 -7.59 -18.84 12.19
C ILE B 217 -6.18 -19.09 11.65
N LEU B 218 -5.31 -18.10 11.80
CA LEU B 218 -3.94 -18.23 11.36
C LEU B 218 -3.08 -18.51 12.58
N GLU B 219 -2.13 -19.43 12.46
CA GLU B 219 -1.25 -19.76 13.57
C GLU B 219 0.20 -19.88 13.19
N ASP B 220 1.08 -19.60 14.14
CA ASP B 220 2.52 -19.66 13.95
C ASP B 220 2.95 -18.73 12.82
N ASP B 221 3.58 -19.31 11.79
CA ASP B 221 4.09 -18.55 10.66
C ASP B 221 3.06 -18.05 9.67
N LEU B 222 1.77 -18.28 9.93
CA LEU B 222 0.75 -17.80 9.00
C LEU B 222 0.26 -16.45 9.53
N VAL B 223 0.57 -16.19 10.79
CA VAL B 223 0.19 -14.93 11.41
C VAL B 223 0.69 -13.78 10.55
N ASP B 224 -0.18 -12.79 10.32
CA ASP B 224 0.15 -11.62 9.50
C ASP B 224 0.62 -11.85 8.08
N SER B 225 0.07 -12.88 7.42
CA SER B 225 0.44 -13.17 6.04
C SER B 225 -0.23 -12.17 5.09
N ALA B 226 -1.14 -11.36 5.60
CA ALA B 226 -1.81 -10.39 4.78
C ALA B 226 -2.46 -9.30 5.61
N ARG B 227 -3.02 -8.32 4.94
CA ARG B 227 -3.66 -7.21 5.59
C ARG B 227 -5.07 -7.00 5.09
N PRO B 228 -5.91 -6.33 5.90
CA PRO B 228 -7.29 -6.06 5.53
C PRO B 228 -7.34 -5.29 4.20
N GLY B 229 -8.11 -5.79 3.25
CA GLY B 229 -8.18 -5.13 1.97
C GLY B 229 -7.53 -5.98 0.91
N ASP B 230 -6.82 -7.02 1.34
CA ASP B 230 -6.12 -7.91 0.41
C ASP B 230 -6.95 -9.08 -0.14
N ARG B 231 -6.76 -9.37 -1.42
CA ARG B 231 -7.43 -10.48 -2.06
C ARG B 231 -6.52 -11.67 -1.75
N VAL B 232 -7.07 -12.72 -1.16
CA VAL B 232 -6.24 -13.84 -0.77
C VAL B 232 -6.82 -15.19 -1.12
N LYS B 233 -5.95 -16.19 -1.13
CA LYS B 233 -6.36 -17.56 -1.39
C LYS B 233 -6.01 -18.37 -0.15
N VAL B 234 -7.02 -18.76 0.60
CA VAL B 234 -6.79 -19.52 1.82
C VAL B 234 -7.11 -21.01 1.66
N THR B 235 -6.24 -21.84 2.23
CA THR B 235 -6.39 -23.28 2.17
C THR B 235 -6.32 -23.78 3.59
N GLY B 236 -7.29 -24.61 3.96
CA GLY B 236 -7.30 -25.15 5.30
C GLY B 236 -8.45 -26.10 5.54
N ILE B 237 -8.68 -26.41 6.79
CA ILE B 237 -9.73 -27.31 7.16
C ILE B 237 -10.81 -26.55 7.92
N LEU B 238 -12.06 -26.75 7.53
CA LEU B 238 -13.19 -26.10 8.19
C LEU B 238 -13.58 -26.90 9.40
N ASP B 239 -14.12 -26.21 10.40
CA ASP B 239 -14.55 -26.84 11.62
C ASP B 239 -15.66 -25.99 12.20
N ILE B 240 -16.25 -26.45 13.29
CA ILE B 240 -17.34 -25.73 13.92
C ILE B 240 -16.95 -25.22 15.29
N LYS B 241 -17.46 -24.05 15.66
CA LYS B 241 -17.14 -23.48 16.94
C LYS B 241 -18.35 -22.81 17.57
N GLN B 242 -18.22 -22.47 18.85
CA GLN B 242 -19.27 -21.79 19.61
C GLN B 242 -18.50 -20.67 20.29
N ASP B 243 -18.96 -19.43 20.21
CA ASP B 243 -18.21 -18.38 20.87
C ASP B 243 -18.22 -18.67 22.38
N SER B 244 -19.34 -19.21 22.85
CA SER B 244 -19.50 -19.60 24.26
C SER B 244 -19.38 -21.12 24.30
N PRO B 245 -18.16 -21.63 24.56
CA PRO B 245 -17.86 -23.07 24.64
C PRO B 245 -18.67 -23.91 25.63
N VAL B 246 -18.73 -25.20 25.32
CA VAL B 246 -19.42 -26.23 26.10
C VAL B 246 -20.82 -25.97 26.69
N LYS B 247 -21.21 -24.72 26.87
CA LYS B 247 -22.55 -24.46 27.40
C LYS B 247 -23.51 -24.24 26.24
N ARG B 248 -24.75 -24.71 26.38
CA ARG B 248 -25.75 -24.52 25.33
C ARG B 248 -26.16 -23.06 25.37
N GLY B 249 -26.11 -22.39 24.23
CA GLY B 249 -26.50 -20.99 24.20
C GLY B 249 -27.98 -20.86 23.95
N SER B 250 -28.35 -20.69 22.69
CA SER B 250 -29.76 -20.55 22.30
C SER B 250 -30.25 -21.88 21.72
N ARG B 251 -29.34 -22.61 21.07
CA ARG B 251 -29.65 -23.90 20.45
C ARG B 251 -28.33 -24.69 20.29
N ALA B 252 -28.37 -25.81 19.59
CA ALA B 252 -27.16 -26.61 19.39
C ALA B 252 -26.68 -26.42 17.95
N VAL B 253 -26.66 -25.16 17.52
CA VAL B 253 -26.22 -24.76 16.19
C VAL B 253 -24.82 -24.19 16.31
N PHE B 254 -23.98 -24.46 15.31
CA PHE B 254 -22.58 -24.00 15.33
C PHE B 254 -22.12 -23.16 14.15
N ASP B 255 -21.13 -22.32 14.43
CA ASP B 255 -20.53 -21.48 13.39
C ASP B 255 -19.45 -22.26 12.69
N ILE B 256 -19.13 -21.86 11.48
CA ILE B 256 -18.11 -22.54 10.72
C ILE B 256 -16.92 -21.62 10.58
N TYR B 257 -15.72 -22.14 10.79
CA TYR B 257 -14.52 -21.32 10.60
C TYR B 257 -13.47 -22.20 9.98
N MET B 258 -12.42 -21.60 9.47
CA MET B 258 -11.37 -22.39 8.88
C MET B 258 -10.08 -22.29 9.67
N LYS B 259 -9.42 -23.43 9.82
CA LYS B 259 -8.12 -23.52 10.48
C LYS B 259 -7.19 -23.51 9.25
N VAL B 260 -6.53 -22.38 9.02
CA VAL B 260 -5.68 -22.19 7.86
C VAL B 260 -4.40 -23.01 7.78
N SER B 261 -4.05 -23.43 6.58
CA SER B 261 -2.84 -24.19 6.37
C SER B 261 -1.93 -23.40 5.46
N SER B 262 -2.56 -22.60 4.59
CA SER B 262 -1.85 -21.79 3.63
C SER B 262 -2.70 -20.59 3.17
N ILE B 263 -2.08 -19.42 3.14
CA ILE B 263 -2.75 -18.21 2.73
C ILE B 263 -1.77 -17.33 1.98
N GLU B 264 -2.18 -16.88 0.79
CA GLU B 264 -1.34 -16.01 -0.06
C GLU B 264 -2.17 -14.91 -0.69
N VAL B 265 -1.59 -13.73 -0.91
CA VAL B 265 -2.36 -12.69 -1.57
C VAL B 265 -2.43 -13.15 -3.04
N SER B 266 -3.61 -13.07 -3.62
CA SER B 266 -3.85 -13.50 -4.99
C SER B 266 -4.23 -12.37 -5.92
N GLN B 267 -4.36 -12.72 -7.19
CA GLN B 267 -4.75 -11.77 -8.22
C GLN B 267 -6.07 -12.31 -8.75
N LYS B 268 -6.94 -11.40 -9.16
CA LYS B 268 -8.23 -11.77 -9.69
C LYS B 268 -8.03 -12.41 -11.05
N VAL B 269 -8.76 -13.48 -11.31
CA VAL B 269 -8.66 -14.19 -12.58
C VAL B 269 -9.96 -14.12 -13.37
N LEU B 270 -9.98 -13.31 -14.43
CA LEU B 270 -11.17 -13.20 -15.26
C LEU B 270 -11.24 -14.47 -16.09
N GLN B 271 -12.44 -14.98 -16.36
CA GLN B 271 -12.50 -16.19 -17.17
C GLN B 271 -13.00 -15.84 -18.57
N GLU B 272 -12.24 -16.24 -19.58
CA GLU B 272 -12.57 -15.97 -20.98
C GLU B 272 -13.64 -16.87 -21.61
N LEU B 273 -14.09 -16.45 -22.79
CA LEU B 273 -15.09 -17.19 -23.55
C LEU B 273 -14.35 -18.29 -24.32
N GLU B 274 -15.02 -19.42 -24.48
CA GLU B 274 -14.43 -20.56 -25.18
C GLU B 274 -14.63 -20.53 -26.70
N ILE B 275 -13.53 -20.35 -27.43
CA ILE B 275 -13.59 -20.34 -28.88
C ILE B 275 -13.48 -21.73 -29.50
N SER B 276 -14.58 -22.22 -30.06
CA SER B 276 -14.53 -23.53 -30.70
C SER B 276 -13.69 -23.27 -31.93
N PRO B 277 -12.63 -24.07 -32.17
CA PRO B 277 -11.78 -23.89 -33.33
C PRO B 277 -12.60 -23.75 -34.62
N GLU B 278 -13.86 -24.17 -34.57
CA GLU B 278 -14.77 -24.04 -35.71
C GLU B 278 -15.08 -22.55 -35.80
N GLU B 279 -15.50 -21.98 -34.68
CA GLU B 279 -15.83 -20.56 -34.59
C GLU B 279 -14.59 -19.73 -34.96
N GLU B 280 -13.41 -20.19 -34.57
CA GLU B 280 -12.16 -19.51 -34.88
C GLU B 280 -11.91 -19.42 -36.38
N GLN B 281 -12.15 -20.52 -37.09
CA GLN B 281 -11.96 -20.51 -38.55
C GLN B 281 -13.02 -19.59 -39.13
N ILE B 282 -14.27 -19.80 -38.70
CA ILE B 282 -15.37 -18.98 -39.18
C ILE B 282 -14.94 -17.52 -39.04
N ILE B 283 -14.32 -17.20 -37.91
CA ILE B 283 -13.86 -15.86 -37.63
C ILE B 283 -12.88 -15.34 -38.70
N LYS B 284 -11.88 -16.13 -39.06
CA LYS B 284 -10.92 -15.69 -40.07
C LYS B 284 -11.59 -15.43 -41.41
N GLU B 285 -12.59 -16.24 -41.75
CA GLU B 285 -13.32 -16.09 -43.01
C GLU B 285 -14.00 -14.73 -43.00
N LEU B 286 -14.75 -14.46 -41.93
CA LEU B 286 -15.48 -13.21 -41.78
C LEU B 286 -14.53 -12.03 -41.91
N ALA B 287 -13.35 -12.16 -41.33
CA ALA B 287 -12.36 -11.09 -41.38
C ALA B 287 -11.95 -10.74 -42.79
N LYS B 288 -11.76 -11.74 -43.64
CA LYS B 288 -11.36 -11.48 -45.01
C LYS B 288 -12.44 -10.69 -45.74
N ARG B 289 -13.68 -10.81 -45.27
CA ARG B 289 -14.81 -10.12 -45.89
C ARG B 289 -14.52 -8.68 -46.31
N LYS B 290 -15.23 -8.22 -47.34
CA LYS B 290 -15.02 -6.88 -47.88
C LYS B 290 -15.57 -5.69 -47.10
N ASP B 291 -16.85 -5.73 -46.74
CA ASP B 291 -17.44 -4.62 -46.00
C ASP B 291 -17.57 -4.95 -44.50
N ILE B 292 -16.53 -5.57 -43.96
CA ILE B 292 -16.51 -5.97 -42.55
C ILE B 292 -16.78 -4.80 -41.61
N VAL B 293 -16.01 -3.73 -41.74
CA VAL B 293 -16.20 -2.59 -40.87
C VAL B 293 -17.66 -2.15 -40.88
N ASP B 294 -18.19 -1.93 -42.08
CA ASP B 294 -19.57 -1.48 -42.20
C ASP B 294 -20.56 -2.58 -41.82
N ALA B 295 -20.15 -3.82 -42.03
CA ALA B 295 -21.01 -4.95 -41.68
C ALA B 295 -21.33 -4.76 -40.20
N ILE B 296 -20.27 -4.83 -39.42
CA ILE B 296 -20.34 -4.68 -37.99
C ILE B 296 -21.17 -3.50 -37.50
N VAL B 297 -21.04 -2.33 -38.13
CA VAL B 297 -21.81 -1.17 -37.69
C VAL B 297 -23.28 -1.40 -37.92
N ASP B 298 -23.60 -1.93 -39.09
CA ASP B 298 -24.97 -2.21 -39.43
C ASP B 298 -25.51 -3.27 -38.49
N SER B 299 -24.64 -4.13 -37.98
CA SER B 299 -25.13 -5.17 -37.09
C SER B 299 -25.23 -4.72 -35.63
N ILE B 300 -24.64 -3.56 -35.33
CA ILE B 300 -24.66 -3.01 -33.97
C ILE B 300 -26.07 -2.83 -33.40
N ALA B 301 -26.92 -2.13 -34.15
CA ALA B 301 -28.28 -1.92 -33.68
C ALA B 301 -29.23 -1.47 -34.77
N PRO B 302 -29.63 -2.40 -35.65
CA PRO B 302 -30.55 -2.12 -36.76
C PRO B 302 -31.91 -1.56 -36.33
N ALA B 303 -32.35 -1.92 -35.13
CA ALA B 303 -33.63 -1.47 -34.63
C ALA B 303 -33.73 0.05 -34.63
N ILE B 304 -32.70 0.68 -35.19
CA ILE B 304 -32.62 2.12 -35.32
C ILE B 304 -32.06 2.38 -36.71
N TYR B 305 -32.54 3.45 -37.33
CA TYR B 305 -32.12 3.84 -38.67
C TYR B 305 -31.17 5.02 -38.59
N GLY B 306 -30.04 4.89 -39.29
CA GLY B 306 -29.05 5.96 -39.31
C GLY B 306 -27.95 5.84 -38.27
N TYR B 307 -27.54 6.99 -37.74
CA TYR B 307 -26.50 7.04 -36.72
C TYR B 307 -25.28 6.21 -37.07
N LYS B 308 -24.97 6.13 -38.36
CA LYS B 308 -23.82 5.39 -38.86
C LYS B 308 -22.54 5.67 -38.07
N GLU B 309 -22.31 6.93 -37.74
CA GLU B 309 -21.10 7.28 -37.01
C GLU B 309 -21.24 6.84 -35.56
N VAL B 310 -22.41 7.05 -34.97
CA VAL B 310 -22.64 6.64 -33.60
C VAL B 310 -22.41 5.14 -33.45
N LYS B 311 -22.95 4.38 -34.40
CA LYS B 311 -22.79 2.93 -34.37
C LYS B 311 -21.32 2.60 -34.54
N LYS B 312 -20.60 3.42 -35.31
CA LYS B 312 -19.18 3.17 -35.52
C LYS B 312 -18.39 3.47 -34.24
N GLY B 313 -18.86 4.47 -33.50
CA GLY B 313 -18.18 4.81 -32.26
C GLY B 313 -18.28 3.61 -31.35
N ILE B 314 -19.52 3.25 -31.01
CA ILE B 314 -19.78 2.10 -30.16
C ILE B 314 -18.95 0.91 -30.62
N ALA B 315 -18.88 0.70 -31.93
CA ALA B 315 -18.12 -0.41 -32.49
C ALA B 315 -16.67 -0.39 -32.04
N LEU B 316 -16.00 0.74 -32.19
CA LEU B 316 -14.60 0.81 -31.80
C LEU B 316 -14.43 0.62 -30.29
N ALA B 317 -15.43 1.06 -29.52
CA ALA B 317 -15.38 0.97 -28.07
C ALA B 317 -15.27 -0.49 -27.63
N LEU B 318 -16.02 -1.36 -28.29
CA LEU B 318 -16.02 -2.78 -27.98
C LEU B 318 -14.70 -3.46 -28.25
N PHE B 319 -14.09 -3.18 -29.40
CA PHE B 319 -12.82 -3.80 -29.73
C PHE B 319 -11.68 -3.17 -28.96
N GLY B 320 -11.85 -1.92 -28.55
CA GLY B 320 -10.84 -1.22 -27.78
C GLY B 320 -9.46 -1.06 -28.41
N GLY B 321 -8.64 -0.21 -27.77
CA GLY B 321 -7.30 0.05 -28.26
C GLY B 321 -6.30 -1.01 -27.86
N VAL B 322 -5.02 -0.67 -27.90
CA VAL B 322 -3.99 -1.63 -27.55
C VAL B 322 -4.01 -1.96 -26.06
N SER B 323 -4.04 -0.94 -25.21
CA SER B 323 -4.05 -1.18 -23.76
C SER B 323 -2.78 -1.90 -23.35
N ARG B 324 -1.78 -1.16 -22.89
CA ARG B 324 -0.51 -1.76 -22.51
C ARG B 324 0.18 -1.19 -21.26
N LYS B 325 0.33 -2.02 -20.23
CA LYS B 325 0.99 -1.60 -18.99
C LYS B 325 2.46 -2.01 -18.94
N LEU B 326 3.35 -1.03 -19.02
CA LEU B 326 4.81 -1.27 -19.02
C LEU B 326 5.55 -0.17 -18.25
N PRO B 327 6.77 -0.46 -17.74
CA PRO B 327 7.63 0.45 -16.96
C PRO B 327 7.92 1.87 -17.47
N ASP B 328 8.58 1.98 -18.62
CA ASP B 328 8.95 3.28 -19.21
C ASP B 328 7.87 4.36 -19.16
N GLY B 329 6.63 3.95 -19.35
CA GLY B 329 5.51 4.88 -19.31
C GLY B 329 4.39 4.21 -18.55
N THR B 330 4.76 3.33 -17.64
CA THR B 330 3.81 2.56 -16.82
C THR B 330 2.56 2.08 -17.58
N ARG B 331 1.39 2.38 -17.03
CA ARG B 331 0.10 1.96 -17.58
C ARG B 331 -0.48 2.70 -18.79
N LEU B 332 -0.69 1.98 -19.89
CA LEU B 332 -1.31 2.58 -21.08
C LEU B 332 -2.75 2.04 -21.14
N ARG B 333 -3.71 2.95 -21.28
CA ARG B 333 -5.12 2.58 -21.33
C ARG B 333 -5.55 2.34 -22.76
N GLY B 334 -6.21 1.21 -22.99
CA GLY B 334 -6.68 0.88 -24.33
C GLY B 334 -8.19 0.98 -24.46
N ASP B 335 -8.88 0.70 -23.36
CA ASP B 335 -10.33 0.77 -23.36
C ASP B 335 -10.69 2.18 -23.81
N ILE B 336 -11.69 2.30 -24.67
CA ILE B 336 -12.13 3.59 -25.16
C ILE B 336 -13.49 3.92 -24.61
N HIS B 337 -13.68 5.14 -24.13
CA HIS B 337 -14.97 5.54 -23.59
C HIS B 337 -15.75 6.44 -24.54
N VAL B 338 -17.04 6.14 -24.67
CA VAL B 338 -17.94 6.90 -25.54
C VAL B 338 -19.09 7.49 -24.73
N LEU B 339 -19.38 8.75 -24.97
CA LEU B 339 -20.48 9.41 -24.29
C LEU B 339 -21.47 9.99 -25.28
N LEU B 340 -22.75 9.80 -25.02
CA LEU B 340 -23.75 10.35 -25.90
C LEU B 340 -24.58 11.37 -25.14
N VAL B 341 -24.42 12.63 -25.53
CA VAL B 341 -25.17 13.71 -24.92
C VAL B 341 -26.28 13.98 -25.92
N GLY B 342 -27.43 14.41 -25.45
CA GLY B 342 -28.50 14.67 -26.40
C GLY B 342 -29.73 15.38 -25.89
N ASP B 343 -30.68 15.54 -26.81
CA ASP B 343 -31.93 16.21 -26.50
C ASP B 343 -32.92 15.20 -25.97
N PRO B 344 -33.93 15.67 -25.23
CA PRO B 344 -34.91 14.74 -24.70
C PRO B 344 -35.63 14.02 -25.85
N GLY B 345 -35.60 12.69 -25.83
CA GLY B 345 -36.26 11.91 -26.86
C GLY B 345 -35.45 11.58 -28.09
N VAL B 346 -34.14 11.75 -28.05
CA VAL B 346 -33.31 11.46 -29.22
C VAL B 346 -32.76 10.04 -29.33
N ALA B 347 -33.35 9.12 -28.58
CA ALA B 347 -32.96 7.71 -28.62
C ALA B 347 -31.74 7.24 -27.84
N LYS B 348 -31.13 8.09 -27.03
CA LYS B 348 -29.95 7.66 -26.27
C LYS B 348 -30.23 6.41 -25.44
N SER B 349 -31.12 6.56 -24.45
CA SER B 349 -31.50 5.47 -23.55
C SER B 349 -31.73 4.16 -24.27
N GLN B 350 -32.46 4.23 -25.38
CA GLN B 350 -32.77 3.07 -26.17
C GLN B 350 -31.52 2.38 -26.72
N ILE B 351 -30.68 3.14 -27.41
CA ILE B 351 -29.45 2.62 -28.01
C ILE B 351 -28.57 1.84 -27.04
N LEU B 352 -28.36 2.38 -25.85
CA LEU B 352 -27.55 1.70 -24.85
C LEU B 352 -28.12 0.33 -24.61
N ARG B 353 -29.38 0.29 -24.20
CA ARG B 353 -30.07 -0.96 -23.92
C ARG B 353 -30.01 -1.94 -25.10
N TYR B 354 -30.00 -1.43 -26.33
CA TYR B 354 -29.93 -2.31 -27.48
C TYR B 354 -28.55 -2.95 -27.61
N VAL B 355 -27.53 -2.19 -27.25
CA VAL B 355 -26.16 -2.69 -27.31
C VAL B 355 -25.96 -3.69 -26.18
N ALA B 356 -26.80 -3.59 -25.16
CA ALA B 356 -26.76 -4.47 -24.00
C ALA B 356 -27.24 -5.85 -24.43
N ASN B 357 -28.22 -5.87 -25.33
CA ASN B 357 -28.74 -7.13 -25.83
C ASN B 357 -27.60 -7.89 -26.50
N LEU B 358 -26.69 -7.14 -27.12
CA LEU B 358 -25.53 -7.74 -27.77
C LEU B 358 -24.44 -7.96 -26.73
N ALA B 359 -24.74 -7.58 -25.49
CA ALA B 359 -23.78 -7.70 -24.39
C ALA B 359 -23.56 -9.14 -23.92
N PRO B 360 -22.27 -9.57 -23.93
CA PRO B 360 -21.76 -10.87 -23.52
C PRO B 360 -21.09 -10.72 -22.16
N ARG B 361 -20.45 -9.56 -21.96
CA ARG B 361 -19.71 -9.25 -20.74
C ARG B 361 -20.11 -7.86 -20.24
N ALA B 362 -21.39 -7.51 -20.32
CA ALA B 362 -21.77 -6.19 -19.89
C ALA B 362 -22.87 -6.06 -18.85
N ILE B 363 -22.98 -4.84 -18.35
CA ILE B 363 -23.97 -4.47 -17.35
C ILE B 363 -24.66 -3.19 -17.75
N TYR B 364 -25.94 -3.28 -18.11
CA TYR B 364 -26.68 -2.09 -18.44
C TYR B 364 -27.14 -1.61 -17.08
N THR B 365 -26.99 -0.32 -16.82
CA THR B 365 -27.42 0.23 -15.54
C THR B 365 -27.48 1.73 -15.66
N SER B 366 -28.30 2.34 -14.81
CA SER B 366 -28.49 3.77 -14.84
C SER B 366 -27.46 4.54 -14.04
N GLY B 367 -27.52 5.86 -14.18
CA GLY B 367 -26.60 6.75 -13.48
C GLY B 367 -26.92 6.83 -12.00
N LYS B 368 -28.20 6.73 -11.66
CA LYS B 368 -28.60 6.76 -10.26
C LYS B 368 -28.82 5.33 -9.81
N SER B 369 -28.34 5.00 -8.62
CA SER B 369 -28.50 3.66 -8.12
C SER B 369 -29.17 3.67 -6.75
N SER B 370 -29.75 2.53 -6.37
CA SER B 370 -30.39 2.42 -5.07
C SER B 370 -29.46 1.69 -4.11
N SER B 371 -28.31 1.27 -4.62
CA SER B 371 -27.33 0.55 -3.81
C SER B 371 -26.21 1.50 -3.37
N ALA B 372 -25.61 1.22 -2.23
CA ALA B 372 -24.54 2.06 -1.73
C ALA B 372 -23.36 2.07 -2.69
N ALA B 373 -23.08 0.94 -3.32
CA ALA B 373 -21.96 0.91 -4.25
C ALA B 373 -22.19 1.86 -5.42
N GLY B 374 -23.30 1.67 -6.13
CA GLY B 374 -23.59 2.52 -7.26
C GLY B 374 -22.85 2.08 -8.50
N LEU B 375 -22.10 3.00 -9.10
CA LEU B 375 -21.35 2.72 -10.32
C LEU B 375 -19.94 2.24 -10.01
N THR B 376 -19.45 2.59 -8.83
CA THR B 376 -18.11 2.23 -8.39
C THR B 376 -18.03 1.10 -7.35
N ALA B 377 -17.83 1.48 -6.08
CA ALA B 377 -17.73 0.51 -5.00
C ALA B 377 -17.82 1.29 -3.70
N ALA B 378 -17.89 0.58 -2.58
CA ALA B 378 -17.96 1.25 -1.28
C ALA B 378 -17.91 0.25 -0.15
N ALA B 379 -17.52 0.72 1.03
CA ALA B 379 -17.45 -0.13 2.20
C ALA B 379 -18.82 0.07 2.82
N VAL B 380 -19.40 -1.02 3.32
CA VAL B 380 -20.73 -0.98 3.89
C VAL B 380 -20.69 -1.67 5.23
N ARG B 381 -21.66 -1.40 6.09
CA ARG B 381 -21.65 -2.06 7.37
C ARG B 381 -22.70 -3.14 7.43
N ASP B 382 -22.38 -4.23 8.10
CA ASP B 382 -23.28 -5.37 8.22
C ASP B 382 -23.74 -5.45 9.66
N GLU B 383 -25.00 -5.12 9.91
CA GLU B 383 -25.55 -5.15 11.26
C GLU B 383 -25.46 -6.49 11.99
N PHE B 384 -25.74 -7.58 11.28
CA PHE B 384 -25.74 -8.91 11.85
C PHE B 384 -24.37 -9.44 12.27
N THR B 385 -23.32 -8.94 11.63
CA THR B 385 -21.97 -9.38 11.96
C THR B 385 -21.22 -8.23 12.61
N GLY B 386 -21.70 -7.03 12.36
CA GLY B 386 -21.08 -5.85 12.93
C GLY B 386 -19.76 -5.43 12.30
N GLY B 387 -19.39 -6.05 11.19
CA GLY B 387 -18.15 -5.70 10.52
C GLY B 387 -18.42 -5.01 9.20
N TRP B 388 -17.39 -4.40 8.63
CA TRP B 388 -17.55 -3.73 7.34
C TRP B 388 -17.24 -4.70 6.23
N VAL B 389 -17.69 -4.39 5.03
CA VAL B 389 -17.41 -5.23 3.88
C VAL B 389 -17.35 -4.34 2.66
N LEU B 390 -16.94 -4.93 1.53
CA LEU B 390 -16.83 -4.20 0.28
C LEU B 390 -17.90 -4.68 -0.68
N GLU B 391 -18.57 -3.74 -1.32
CA GLU B 391 -19.59 -4.05 -2.30
C GLU B 391 -19.11 -3.49 -3.63
N ALA B 392 -19.40 -4.19 -4.72
CA ALA B 392 -18.96 -3.75 -6.02
C ALA B 392 -20.05 -3.09 -6.84
N GLY B 393 -19.72 -1.94 -7.40
CA GLY B 393 -20.66 -1.21 -8.25
C GLY B 393 -20.53 -1.76 -9.67
N ALA B 394 -21.19 -1.09 -10.61
CA ALA B 394 -21.19 -1.53 -12.01
C ALA B 394 -19.81 -1.60 -12.67
N LEU B 395 -18.97 -0.61 -12.45
CA LEU B 395 -17.65 -0.65 -13.08
C LEU B 395 -16.79 -1.75 -12.51
N VAL B 396 -16.99 -2.12 -11.27
CA VAL B 396 -16.20 -3.18 -10.70
C VAL B 396 -16.74 -4.54 -11.13
N LEU B 397 -18.05 -4.70 -11.17
CA LEU B 397 -18.61 -6.00 -11.60
C LEU B 397 -18.30 -6.23 -13.07
N ALA B 398 -18.30 -5.15 -13.84
CA ALA B 398 -18.04 -5.20 -15.27
C ALA B 398 -16.57 -5.35 -15.66
N ASP B 399 -15.68 -5.33 -14.68
CA ASP B 399 -14.24 -5.43 -14.95
C ASP B 399 -13.98 -6.41 -16.08
N GLY B 400 -13.01 -6.08 -16.92
CA GLY B 400 -12.69 -6.93 -18.04
C GLY B 400 -13.76 -6.86 -19.13
N GLY B 401 -14.84 -6.14 -18.88
CA GLY B 401 -15.92 -6.03 -19.86
C GLY B 401 -16.45 -4.64 -20.15
N TYR B 402 -17.77 -4.51 -20.22
CA TYR B 402 -18.41 -3.24 -20.53
C TYR B 402 -19.48 -2.85 -19.51
N ALA B 403 -19.70 -1.55 -19.38
CA ALA B 403 -20.69 -1.03 -18.46
C ALA B 403 -21.47 0.04 -19.20
N LEU B 404 -22.64 -0.33 -19.69
CA LEU B 404 -23.51 0.58 -20.43
C LEU B 404 -24.29 1.44 -19.43
N ILE B 405 -23.82 2.64 -19.18
CA ILE B 405 -24.47 3.54 -18.23
C ILE B 405 -25.47 4.50 -18.88
N ASP B 406 -26.67 4.58 -18.33
CA ASP B 406 -27.71 5.46 -18.85
C ASP B 406 -27.97 6.57 -17.85
N GLU B 407 -28.39 7.74 -18.33
CA GLU B 407 -28.69 8.85 -17.44
C GLU B 407 -27.52 9.12 -16.50
N LEU B 408 -26.31 8.94 -17.00
CA LEU B 408 -25.09 9.18 -16.23
C LEU B 408 -25.19 10.54 -15.52
N ASP B 409 -25.93 11.45 -16.14
CA ASP B 409 -26.14 12.79 -15.62
C ASP B 409 -26.53 12.78 -14.12
N LYS B 410 -27.38 11.81 -13.76
CA LYS B 410 -27.88 11.64 -12.40
C LYS B 410 -27.01 10.73 -11.53
N MET B 411 -25.77 11.13 -11.24
CA MET B 411 -24.95 10.23 -10.43
C MET B 411 -24.58 10.75 -9.04
N SER B 412 -24.50 9.79 -8.13
CA SER B 412 -24.18 10.02 -6.74
C SER B 412 -22.99 10.93 -6.48
N ASP B 413 -22.94 11.41 -5.24
CA ASP B 413 -21.88 12.25 -4.75
C ASP B 413 -20.61 11.40 -4.66
N ARG B 414 -20.75 10.21 -4.08
CA ARG B 414 -19.62 9.29 -3.94
C ARG B 414 -19.09 8.91 -5.32
N ASP B 415 -20.00 8.79 -6.27
CA ASP B 415 -19.60 8.39 -7.61
C ASP B 415 -18.74 9.42 -8.33
N ARG B 416 -19.18 10.67 -8.37
CA ARG B 416 -18.39 11.70 -9.04
C ARG B 416 -17.00 11.74 -8.44
N SER B 417 -16.90 11.60 -7.13
CA SER B 417 -15.61 11.64 -6.47
C SER B 417 -14.60 10.63 -7.01
N VAL B 418 -14.93 9.34 -6.96
CA VAL B 418 -14.01 8.31 -7.40
C VAL B 418 -14.09 7.82 -8.85
N ILE B 419 -15.00 8.36 -9.64
CA ILE B 419 -15.13 7.88 -11.01
C ILE B 419 -13.95 8.23 -11.92
N HIS B 420 -13.31 9.37 -11.72
CA HIS B 420 -12.18 9.74 -12.57
C HIS B 420 -11.14 8.63 -12.52
N GLU B 421 -10.93 8.10 -11.31
CA GLU B 421 -9.98 7.02 -11.08
C GLU B 421 -10.33 5.82 -11.95
N ALA B 422 -11.59 5.42 -11.89
CA ALA B 422 -12.09 4.28 -12.66
C ALA B 422 -11.88 4.41 -14.15
N LEU B 423 -12.22 5.57 -14.70
CA LEU B 423 -12.07 5.78 -16.13
C LEU B 423 -10.63 5.92 -16.57
N GLU B 424 -9.80 6.59 -15.77
CA GLU B 424 -8.41 6.76 -16.16
C GLU B 424 -7.52 5.61 -15.66
N GLN B 425 -7.48 5.38 -14.34
CA GLN B 425 -6.66 4.31 -13.79
C GLN B 425 -7.27 2.93 -13.88
N GLN B 426 -8.56 2.86 -14.15
CA GLN B 426 -9.23 1.58 -14.23
C GLN B 426 -9.12 0.79 -12.92
N THR B 427 -9.30 1.50 -11.81
CA THR B 427 -9.25 0.91 -10.49
C THR B 427 -10.06 1.84 -9.59
N ILE B 428 -10.45 1.30 -8.45
CA ILE B 428 -11.21 2.08 -7.47
C ILE B 428 -10.63 1.71 -6.12
N SER B 429 -10.02 2.67 -5.43
CA SER B 429 -9.45 2.38 -4.11
C SER B 429 -10.41 2.77 -3.00
N ILE B 430 -10.54 1.90 -2.00
CA ILE B 430 -11.43 2.12 -0.87
C ILE B 430 -10.71 2.03 0.45
N SER B 431 -10.94 3.01 1.33
CA SER B 431 -10.32 3.07 2.65
C SER B 431 -11.39 3.33 3.70
N LYS B 432 -11.63 2.34 4.55
CA LYS B 432 -12.63 2.46 5.60
C LYS B 432 -12.26 1.47 6.71
N ALA B 433 -12.44 1.88 7.97
CA ALA B 433 -12.07 1.04 9.11
C ALA B 433 -10.63 0.68 8.84
N GLY B 434 -10.24 -0.56 9.04
CA GLY B 434 -8.85 -0.89 8.76
C GLY B 434 -8.67 -1.44 7.36
N ILE B 435 -9.68 -1.25 6.52
CA ILE B 435 -9.66 -1.75 5.17
C ILE B 435 -9.23 -0.78 4.09
N THR B 436 -8.26 -1.22 3.31
CA THR B 436 -7.74 -0.45 2.20
C THR B 436 -7.56 -1.47 1.07
N ALA B 437 -8.42 -1.38 0.08
CA ALA B 437 -8.36 -2.28 -1.06
C ALA B 437 -8.43 -1.51 -2.37
N THR B 438 -7.91 -2.13 -3.42
CA THR B 438 -7.89 -1.55 -4.74
C THR B 438 -8.54 -2.57 -5.65
N LEU B 439 -9.72 -2.24 -6.16
CA LEU B 439 -10.44 -3.16 -7.01
C LEU B 439 -10.29 -2.79 -8.47
N ASN B 440 -10.06 -3.80 -9.31
CA ASN B 440 -9.92 -3.60 -10.75
C ASN B 440 -11.21 -3.06 -11.32
N ALA B 441 -11.06 -2.12 -12.25
CA ALA B 441 -12.17 -1.49 -12.91
C ALA B 441 -11.82 -1.34 -14.38
N ARG B 442 -11.16 -2.36 -14.90
CA ARG B 442 -10.77 -2.37 -16.30
C ARG B 442 -12.02 -2.62 -17.11
N THR B 443 -12.82 -1.58 -17.28
CA THR B 443 -14.06 -1.72 -18.02
C THR B 443 -14.27 -0.56 -18.97
N THR B 444 -14.89 -0.87 -20.10
CA THR B 444 -15.18 0.12 -21.13
C THR B 444 -16.53 0.77 -20.85
N VAL B 445 -16.59 2.09 -20.84
CA VAL B 445 -17.85 2.78 -20.55
C VAL B 445 -18.55 3.46 -21.74
N ILE B 446 -19.85 3.21 -21.84
CA ILE B 446 -20.67 3.77 -22.88
C ILE B 446 -21.86 4.35 -22.12
N ALA B 447 -21.93 5.66 -22.02
CA ALA B 447 -23.02 6.29 -21.30
C ALA B 447 -23.87 7.25 -22.11
N ALA B 448 -25.01 7.62 -21.55
CA ALA B 448 -25.92 8.56 -22.17
C ALA B 448 -26.10 9.66 -21.14
N ALA B 449 -26.28 10.90 -21.59
CA ALA B 449 -26.44 11.99 -20.65
C ALA B 449 -27.40 13.03 -21.21
N ASN B 450 -28.13 13.72 -20.33
CA ASN B 450 -29.08 14.73 -20.76
C ASN B 450 -28.62 16.09 -20.28
N PRO B 451 -29.08 17.16 -20.93
CA PRO B 451 -28.66 18.49 -20.47
C PRO B 451 -29.38 18.75 -19.16
N LYS B 452 -28.79 19.59 -18.31
CA LYS B 452 -29.39 19.94 -17.04
C LYS B 452 -30.91 20.00 -17.14
N GLN B 453 -31.41 20.89 -17.99
CA GLN B 453 -32.86 21.07 -18.19
C GLN B 453 -33.41 20.51 -19.52
N GLY B 454 -32.93 21.01 -20.67
CA GLY B 454 -33.42 20.52 -21.94
C GLY B 454 -32.61 20.83 -23.19
N ARG B 455 -33.29 20.93 -24.32
CA ARG B 455 -32.64 21.24 -25.60
C ARG B 455 -31.64 22.38 -25.44
N PHE B 456 -30.41 22.15 -25.85
CA PHE B 456 -29.37 23.16 -25.73
C PHE B 456 -28.91 23.79 -27.06
N ASN B 457 -29.68 23.59 -28.12
CA ASN B 457 -29.34 24.13 -29.46
C ASN B 457 -28.76 25.53 -29.37
N ARG B 458 -29.27 26.29 -28.40
CA ARG B 458 -28.80 27.64 -28.17
C ARG B 458 -27.31 27.74 -28.45
N MET B 459 -26.86 28.94 -28.80
CA MET B 459 -25.45 29.12 -29.11
C MET B 459 -24.55 28.74 -27.93
N LYS B 460 -25.18 28.49 -26.78
CA LYS B 460 -24.44 28.10 -25.58
C LYS B 460 -23.70 26.80 -25.78
N ASN B 461 -22.47 26.76 -25.30
CA ASN B 461 -21.61 25.59 -25.41
C ASN B 461 -22.32 24.37 -24.84
N PRO B 462 -22.38 23.29 -25.61
CA PRO B 462 -23.05 22.05 -25.20
C PRO B 462 -22.75 21.48 -23.81
N PHE B 463 -21.48 21.24 -23.52
CA PHE B 463 -21.08 20.63 -22.26
C PHE B 463 -21.48 21.28 -20.94
N GLU B 464 -21.52 22.61 -20.89
CA GLU B 464 -21.92 23.31 -19.66
C GLU B 464 -23.38 23.02 -19.35
N GLN B 465 -24.13 22.69 -20.39
CA GLN B 465 -25.54 22.43 -20.26
C GLN B 465 -25.82 21.02 -19.75
N ILE B 466 -24.81 20.14 -19.83
CA ILE B 466 -24.96 18.78 -19.29
C ILE B 466 -24.25 18.81 -17.94
N ASP B 467 -24.87 18.24 -16.91
CA ASP B 467 -24.31 18.24 -15.57
C ASP B 467 -23.22 17.20 -15.31
N LEU B 468 -22.00 17.55 -15.70
CA LEU B 468 -20.81 16.72 -15.54
C LEU B 468 -19.63 17.67 -15.63
N PRO B 469 -18.73 17.67 -14.62
CA PRO B 469 -17.60 18.59 -14.68
C PRO B 469 -16.77 18.32 -15.94
N PRO B 470 -16.28 19.37 -16.62
CA PRO B 470 -15.47 19.19 -17.83
C PRO B 470 -14.34 18.19 -17.63
N THR B 471 -13.97 17.97 -16.38
CA THR B 471 -12.90 17.04 -16.03
C THR B 471 -13.28 15.63 -16.44
N LEU B 472 -14.57 15.33 -16.28
CA LEU B 472 -15.09 14.02 -16.62
C LEU B 472 -15.18 13.84 -18.12
N LEU B 473 -15.71 14.84 -18.80
CA LEU B 473 -15.86 14.81 -20.25
C LEU B 473 -14.55 14.57 -20.98
N SER B 474 -13.49 15.21 -20.51
CA SER B 474 -12.17 15.07 -21.11
C SER B 474 -11.73 13.62 -21.15
N ARG B 475 -12.42 12.75 -20.40
CA ARG B 475 -12.06 11.35 -20.35
C ARG B 475 -12.77 10.45 -21.36
N PHE B 476 -13.64 11.03 -22.17
CA PHE B 476 -14.33 10.25 -23.18
C PHE B 476 -13.64 10.50 -24.52
N ASP B 477 -13.14 9.43 -25.15
CA ASP B 477 -12.47 9.55 -26.45
C ASP B 477 -13.41 10.23 -27.47
N LEU B 478 -14.67 9.81 -27.47
CA LEU B 478 -15.67 10.33 -28.38
C LEU B 478 -16.95 10.75 -27.66
N ILE B 479 -17.41 11.96 -27.94
CA ILE B 479 -18.62 12.48 -27.34
C ILE B 479 -19.52 12.88 -28.50
N PHE B 480 -20.71 12.30 -28.59
CA PHE B 480 -21.64 12.62 -29.66
C PHE B 480 -22.72 13.53 -29.12
N VAL B 481 -22.65 14.81 -29.46
CA VAL B 481 -23.66 15.76 -29.04
C VAL B 481 -24.80 15.55 -30.03
N LEU B 482 -25.95 15.13 -29.52
CA LEU B 482 -27.08 14.89 -30.39
C LEU B 482 -28.19 15.92 -30.23
N ILE B 483 -28.86 16.20 -31.34
CA ILE B 483 -29.95 17.14 -31.37
C ILE B 483 -30.90 16.64 -32.43
N ASP B 484 -32.18 16.89 -32.24
CA ASP B 484 -33.16 16.44 -33.21
C ASP B 484 -33.87 17.56 -33.96
N GLU B 485 -33.59 17.65 -35.25
CA GLU B 485 -34.26 18.64 -36.08
C GLU B 485 -35.19 17.77 -36.93
N PRO B 486 -36.34 18.30 -37.34
CA PRO B 486 -37.31 17.57 -38.16
C PRO B 486 -36.83 17.08 -39.53
N ASP B 487 -36.80 17.98 -40.50
CA ASP B 487 -36.42 17.62 -41.86
C ASP B 487 -37.40 16.53 -42.30
N ASP B 488 -38.67 16.92 -42.35
CA ASP B 488 -39.79 16.04 -42.72
C ASP B 488 -39.50 14.55 -42.81
N LYS B 489 -38.98 14.15 -43.95
CA LYS B 489 -38.67 12.76 -44.23
C LYS B 489 -38.09 11.94 -43.08
N ILE B 490 -37.05 12.43 -42.39
CA ILE B 490 -36.45 11.69 -41.29
C ILE B 490 -37.45 11.36 -40.17
N ASP B 491 -38.23 12.34 -39.75
CA ASP B 491 -39.21 12.10 -38.69
C ASP B 491 -40.09 10.95 -39.13
N SER B 492 -40.51 11.00 -40.39
CA SER B 492 -41.36 9.98 -40.98
C SER B 492 -40.69 8.62 -40.83
N GLU B 493 -39.38 8.58 -41.07
CA GLU B 493 -38.61 7.35 -40.98
C GLU B 493 -38.68 6.76 -39.56
N VAL B 494 -38.56 7.63 -38.56
CA VAL B 494 -38.61 7.19 -37.17
C VAL B 494 -39.99 6.65 -36.83
N ALA B 495 -41.02 7.35 -37.27
CA ALA B 495 -42.39 6.93 -37.04
C ALA B 495 -42.54 5.48 -37.51
N ARG B 496 -42.21 5.25 -38.78
CA ARG B 496 -42.28 3.91 -39.36
C ARG B 496 -41.60 2.92 -38.45
N HIS B 497 -40.32 3.16 -38.16
CA HIS B 497 -39.54 2.30 -37.30
C HIS B 497 -40.30 1.95 -36.03
N ILE B 498 -40.71 2.97 -35.28
CA ILE B 498 -41.45 2.74 -34.04
C ILE B 498 -42.71 1.91 -34.26
N LEU B 499 -43.56 2.36 -35.19
CA LEU B 499 -44.79 1.63 -35.51
C LEU B 499 -44.45 0.17 -35.80
N ARG B 500 -43.49 -0.04 -36.68
CA ARG B 500 -43.07 -1.38 -37.04
C ARG B 500 -42.68 -2.12 -35.77
N VAL B 501 -41.72 -1.54 -35.05
CA VAL B 501 -41.24 -2.11 -33.79
C VAL B 501 -42.39 -2.58 -32.91
N ARG B 502 -43.60 -2.16 -33.24
CA ARG B 502 -44.76 -2.55 -32.45
C ARG B 502 -45.35 -3.89 -32.97
N ARG B 503 -44.91 -4.33 -34.14
CA ARG B 503 -45.36 -5.61 -34.71
C ARG B 503 -44.74 -6.65 -33.78
N GLY B 504 -45.44 -7.74 -33.51
CA GLY B 504 -44.92 -8.76 -32.62
C GLY B 504 -43.63 -9.48 -32.99
N GLU B 505 -43.63 -10.17 -34.12
CA GLU B 505 -42.45 -10.94 -34.51
C GLU B 505 -41.64 -10.42 -35.68
N SER B 506 -40.34 -10.65 -35.57
CA SER B 506 -39.32 -10.28 -36.56
C SER B 506 -39.53 -9.05 -37.45
N GLU B 507 -39.26 -7.86 -36.91
CA GLU B 507 -39.36 -6.68 -37.74
C GLU B 507 -38.15 -6.88 -38.65
N VAL B 508 -38.36 -6.74 -39.94
CA VAL B 508 -37.32 -6.97 -40.94
C VAL B 508 -35.85 -6.86 -40.50
N VAL B 509 -35.31 -5.65 -40.35
CA VAL B 509 -33.91 -5.52 -39.95
C VAL B 509 -33.55 -6.14 -38.59
N ALA B 510 -32.36 -6.75 -38.54
CA ALA B 510 -31.83 -7.40 -37.36
C ALA B 510 -30.31 -7.49 -37.61
N PRO B 511 -29.55 -8.08 -36.68
CA PRO B 511 -28.09 -8.16 -36.93
C PRO B 511 -27.71 -8.58 -38.36
N LYS B 512 -26.95 -7.72 -39.03
CA LYS B 512 -26.49 -7.97 -40.38
C LYS B 512 -25.45 -9.09 -40.32
N ILE B 513 -24.76 -9.16 -39.18
CA ILE B 513 -23.76 -10.18 -38.90
C ILE B 513 -24.32 -10.86 -37.67
N PRO B 514 -24.10 -12.16 -37.54
CA PRO B 514 -24.56 -12.99 -36.42
C PRO B 514 -24.07 -12.56 -35.04
N HIS B 515 -24.97 -12.02 -34.21
CA HIS B 515 -24.59 -11.58 -32.88
C HIS B 515 -23.69 -12.53 -32.13
N GLU B 516 -24.21 -13.71 -31.80
CA GLU B 516 -23.42 -14.71 -31.09
C GLU B 516 -22.05 -14.76 -31.74
N ILE B 517 -22.00 -14.97 -33.04
CA ILE B 517 -20.72 -15.02 -33.76
C ILE B 517 -19.90 -13.75 -33.58
N LEU B 518 -20.58 -12.63 -33.38
CA LEU B 518 -19.89 -11.35 -33.22
C LEU B 518 -19.22 -11.25 -31.84
N ARG B 519 -19.97 -11.59 -30.79
CA ARG B 519 -19.43 -11.55 -29.44
C ARG B 519 -18.11 -12.29 -29.49
N LYS B 520 -18.21 -13.52 -29.98
CA LYS B 520 -17.10 -14.45 -30.15
C LYS B 520 -16.02 -13.78 -30.96
N TYR B 521 -16.47 -12.96 -31.90
CA TYR B 521 -15.60 -12.22 -32.79
C TYR B 521 -14.77 -11.21 -31.99
N ILE B 522 -15.46 -10.27 -31.38
CA ILE B 522 -14.80 -9.25 -30.58
C ILE B 522 -13.83 -9.88 -29.58
N ALA B 523 -14.33 -10.75 -28.70
CA ALA B 523 -13.49 -11.41 -27.70
C ALA B 523 -12.18 -11.87 -28.33
N TYR B 524 -12.31 -12.68 -29.37
CA TYR B 524 -11.15 -13.18 -30.08
C TYR B 524 -10.25 -12.00 -30.43
N ALA B 525 -10.83 -11.00 -31.09
CA ALA B 525 -10.09 -9.81 -31.49
C ALA B 525 -9.33 -9.22 -30.33
N ARG B 526 -10.02 -9.01 -29.22
CA ARG B 526 -9.38 -8.43 -28.05
C ARG B 526 -8.29 -9.30 -27.44
N LYS B 527 -8.51 -10.62 -27.35
CA LYS B 527 -7.48 -11.47 -26.78
C LYS B 527 -6.25 -11.63 -27.67
N ASN B 528 -6.47 -12.12 -28.88
CA ASN B 528 -5.37 -12.37 -29.82
C ASN B 528 -4.83 -11.20 -30.63
N ILE B 529 -5.67 -10.21 -30.95
CA ILE B 529 -5.19 -9.08 -31.76
C ILE B 529 -4.56 -7.95 -30.96
N HIS B 530 -3.36 -7.55 -31.37
CA HIS B 530 -2.65 -6.46 -30.72
C HIS B 530 -1.93 -5.62 -31.76
N PRO B 531 -2.73 -4.87 -32.55
CA PRO B 531 -2.32 -3.98 -33.63
C PRO B 531 -1.10 -3.15 -33.27
N VAL B 532 -0.12 -3.07 -34.16
CA VAL B 532 1.06 -2.30 -33.83
C VAL B 532 0.96 -0.99 -34.63
N ILE B 533 1.20 0.17 -34.02
CA ILE B 533 1.12 1.43 -34.74
C ILE B 533 1.89 1.28 -36.06
N SER B 534 1.50 2.04 -37.08
CA SER B 534 2.14 1.97 -38.41
C SER B 534 2.66 3.30 -38.91
N GLU B 535 3.76 3.27 -39.64
CA GLU B 535 4.36 4.49 -40.15
C GLU B 535 3.40 5.47 -40.79
N GLU B 536 2.64 4.99 -41.77
CA GLU B 536 1.67 5.81 -42.48
C GLU B 536 0.77 6.47 -41.45
N ALA B 537 0.20 5.64 -40.57
CA ALA B 537 -0.66 6.14 -39.52
C ALA B 537 0.04 7.29 -38.80
N MET B 538 1.22 7.00 -38.26
CA MET B 538 1.99 7.99 -37.51
C MET B 538 2.01 9.38 -38.13
N GLU B 539 2.32 9.49 -39.41
CA GLU B 539 2.39 10.79 -40.05
C GLU B 539 1.01 11.45 -40.21
N GLU B 540 0.05 10.71 -40.74
CA GLU B 540 -1.30 11.25 -40.93
C GLU B 540 -1.82 11.88 -39.64
N ILE B 541 -1.81 11.10 -38.57
CA ILE B 541 -2.29 11.56 -37.28
C ILE B 541 -1.55 12.80 -36.80
N GLU B 542 -0.23 12.80 -37.00
CA GLU B 542 0.59 13.93 -36.60
C GLU B 542 0.16 15.18 -37.34
N LYS B 543 0.13 15.07 -38.66
CA LYS B 543 -0.27 16.20 -39.49
C LYS B 543 -1.67 16.66 -39.08
N TYR B 544 -2.53 15.73 -38.70
CA TYR B 544 -3.90 16.09 -38.29
C TYR B 544 -3.88 16.83 -36.96
N TYR B 545 -3.06 16.34 -36.04
CA TYR B 545 -2.99 16.98 -34.73
C TYR B 545 -2.72 18.46 -34.89
N VAL B 546 -1.67 18.79 -35.63
CA VAL B 546 -1.31 20.18 -35.84
C VAL B 546 -2.45 20.94 -36.54
N ARG B 547 -3.01 20.32 -37.58
CA ARG B 547 -4.13 20.92 -38.34
C ARG B 547 -5.30 21.35 -37.45
N MET B 548 -5.94 20.40 -36.78
CA MET B 548 -7.10 20.69 -35.93
C MET B 548 -6.80 21.66 -34.81
N ARG B 549 -5.54 21.74 -34.40
CA ARG B 549 -5.16 22.64 -33.33
C ARG B 549 -5.00 24.06 -33.85
N LYS B 550 -4.96 24.21 -35.17
CA LYS B 550 -4.78 25.53 -35.76
C LYS B 550 -6.00 26.46 -35.63
N SER B 551 -7.16 25.91 -35.29
CA SER B 551 -8.36 26.72 -35.14
C SER B 551 -8.89 26.65 -33.71
N PRO B 566 -7.97 25.21 -28.34
CA PRO B 566 -9.12 24.30 -28.47
C PRO B 566 -8.78 22.84 -28.14
N ILE B 567 -8.12 22.18 -29.09
CA ILE B 567 -7.72 20.77 -28.99
C ILE B 567 -6.64 20.54 -27.95
N THR B 568 -6.55 19.30 -27.46
CA THR B 568 -5.56 18.95 -26.43
C THR B 568 -4.84 17.64 -26.71
N ALA B 569 -3.70 17.48 -26.05
CA ALA B 569 -2.90 16.26 -26.21
C ALA B 569 -3.76 15.06 -25.84
N ARG B 570 -4.74 15.28 -25.00
CA ARG B 570 -5.64 14.21 -24.59
C ARG B 570 -6.34 13.71 -25.84
N GLN B 571 -6.60 14.63 -26.75
CA GLN B 571 -7.25 14.30 -28.01
C GLN B 571 -6.33 13.31 -28.74
N LEU B 572 -5.03 13.50 -28.57
CA LEU B 572 -4.04 12.67 -29.22
C LEU B 572 -4.10 11.21 -28.77
N GLU B 573 -3.97 10.99 -27.47
CA GLU B 573 -4.00 9.63 -26.91
C GLU B 573 -5.30 8.91 -27.26
N ALA B 574 -6.34 9.67 -27.57
CA ALA B 574 -7.62 9.07 -27.93
C ALA B 574 -7.57 8.68 -29.40
N LEU B 575 -7.05 9.59 -30.22
CA LEU B 575 -6.95 9.37 -31.65
C LEU B 575 -6.18 8.08 -31.91
N ILE B 576 -5.06 7.91 -31.22
CA ILE B 576 -4.25 6.73 -31.38
C ILE B 576 -4.96 5.44 -31.00
N ARG B 577 -5.78 5.53 -29.96
CA ARG B 577 -6.54 4.37 -29.49
C ARG B 577 -7.60 3.96 -30.49
N LEU B 578 -8.30 4.95 -31.05
CA LEU B 578 -9.35 4.71 -32.03
C LEU B 578 -8.73 4.04 -33.25
N SER B 579 -7.53 4.48 -33.63
CA SER B 579 -6.85 3.89 -34.77
C SER B 579 -6.68 2.40 -34.48
N GLU B 580 -6.01 2.09 -33.38
CA GLU B 580 -5.78 0.71 -32.98
C GLU B 580 -7.06 -0.12 -33.01
N ALA B 581 -8.13 0.44 -32.47
CA ALA B 581 -9.42 -0.25 -32.44
C ALA B 581 -9.85 -0.63 -33.83
N HIS B 582 -9.89 0.35 -34.72
CA HIS B 582 -10.29 0.12 -36.09
C HIS B 582 -9.46 -1.00 -36.68
N ALA B 583 -8.14 -0.88 -36.61
CA ALA B 583 -7.28 -1.91 -37.14
C ALA B 583 -7.60 -3.25 -36.48
N ARG B 584 -8.01 -3.23 -35.22
CA ARG B 584 -8.34 -4.47 -34.53
C ARG B 584 -9.51 -5.18 -35.19
N MET B 585 -10.48 -4.42 -35.69
CA MET B 585 -11.63 -5.03 -36.37
C MET B 585 -11.16 -5.55 -37.72
N ARG B 586 -10.04 -5.01 -38.18
CA ARG B 586 -9.41 -5.45 -39.42
C ARG B 586 -8.68 -6.74 -39.03
N LEU B 587 -8.09 -6.73 -37.85
CA LEU B 587 -7.37 -7.89 -37.31
C LEU B 587 -6.02 -8.05 -37.98
N SER B 588 -5.55 -6.98 -38.62
CA SER B 588 -4.29 -7.04 -39.32
C SER B 588 -3.23 -7.94 -38.64
N PRO B 589 -2.63 -7.51 -37.51
CA PRO B 589 -2.77 -6.28 -36.74
C PRO B 589 -1.66 -5.27 -36.98
N ILE B 590 -1.92 -4.35 -37.89
CA ILE B 590 -1.01 -3.28 -38.21
C ILE B 590 -2.00 -2.19 -38.57
N VAL B 591 -1.77 -0.99 -38.04
CA VAL B 591 -2.65 0.14 -38.33
C VAL B 591 -2.27 0.45 -39.77
N THR B 592 -2.95 1.38 -40.40
CA THR B 592 -2.66 1.76 -41.78
C THR B 592 -2.97 3.23 -41.91
N ARG B 593 -2.78 3.80 -43.10
CA ARG B 593 -3.10 5.21 -43.29
C ARG B 593 -4.62 5.26 -43.27
N GLU B 594 -5.24 4.17 -43.68
CA GLU B 594 -6.70 4.07 -43.74
C GLU B 594 -7.22 4.20 -42.32
N ASP B 595 -6.57 3.48 -41.41
CA ASP B 595 -6.92 3.54 -40.01
C ASP B 595 -7.12 5.00 -39.61
N ALA B 596 -6.01 5.63 -39.18
CA ALA B 596 -5.97 7.02 -38.79
C ALA B 596 -7.06 7.78 -39.49
N ARG B 597 -7.03 7.71 -40.83
CA ARG B 597 -7.99 8.40 -41.66
C ARG B 597 -9.41 8.15 -41.20
N GLU B 598 -9.79 6.87 -41.08
CA GLU B 598 -11.14 6.57 -40.61
C GLU B 598 -11.27 7.09 -39.18
N ALA B 599 -10.29 6.78 -38.34
CA ALA B 599 -10.28 7.21 -36.95
C ALA B 599 -10.54 8.72 -36.84
N ILE B 600 -9.71 9.52 -37.51
CA ILE B 600 -9.83 10.99 -37.50
C ILE B 600 -11.14 11.44 -38.15
N LYS B 601 -11.61 10.66 -39.11
CA LYS B 601 -12.84 10.99 -39.80
C LYS B 601 -13.94 11.11 -38.77
N LEU B 602 -14.10 10.08 -37.94
CA LEU B 602 -15.11 10.08 -36.90
C LEU B 602 -14.85 11.23 -35.94
N MET B 603 -13.62 11.31 -35.45
CA MET B 603 -13.21 12.36 -34.53
C MET B 603 -13.66 13.75 -35.01
N GLU B 604 -13.47 14.03 -36.30
CA GLU B 604 -13.86 15.30 -36.89
C GLU B 604 -15.38 15.45 -36.82
N TYR B 605 -16.08 14.45 -37.34
CA TYR B 605 -17.53 14.47 -37.32
C TYR B 605 -18.03 14.85 -35.94
N THR B 606 -17.49 14.24 -34.89
CA THR B 606 -17.95 14.57 -33.56
C THR B 606 -17.70 16.03 -33.25
N LEU B 607 -16.54 16.53 -33.65
CA LEU B 607 -16.20 17.93 -33.41
C LEU B 607 -17.13 18.88 -34.16
N LYS B 608 -17.41 18.61 -35.44
CA LYS B 608 -18.30 19.47 -36.20
C LYS B 608 -19.64 19.51 -35.49
N GLN B 609 -20.00 18.38 -34.90
CA GLN B 609 -21.25 18.21 -34.18
C GLN B 609 -21.45 19.21 -33.03
N ILE B 610 -20.35 19.60 -32.38
CA ILE B 610 -20.43 20.54 -31.27
C ILE B 610 -21.11 21.84 -31.68
N ALA B 611 -20.70 22.40 -32.81
CA ALA B 611 -21.27 23.66 -33.31
C ALA B 611 -22.80 23.64 -33.25
N MET B 612 -23.37 22.44 -33.17
CA MET B 612 -24.82 22.25 -33.11
C MET B 612 -25.55 22.91 -34.28
#